data_4N9D
#
_entry.id   4N9D
#
_cell.length_a   60.413
_cell.length_b   106.337
_cell.length_c   83.205
_cell.angle_alpha   90.00
_cell.angle_beta   96.57
_cell.angle_gamma   90.00
#
_symmetry.space_group_name_H-M   'P 1 21 1'
#
loop_
_entity.id
_entity.type
_entity.pdbx_description
1 polymer 'Nicotinamide phosphoribosyltransferase'
2 non-polymer 4-({[(4-tert-butylphenyl)sulfonyl]amino}methyl)-N-(pyridin-3-yl)benzamide
3 non-polymer 'PHOSPHATE ION'
4 non-polymer 1,2-ETHANEDIOL
5 water water
#
_entity_poly.entity_id   1
_entity_poly.type   'polypeptide(L)'
_entity_poly.pdbx_seq_one_letter_code
;MNPAAEAEFNILLATDSYKVTHYKQYPPNTSKVYSYFECREKKTENSKLRKVKYEETVFYGLQYILNKYLKGKVVTKEKI
QEAKDVYKEHFQDDVFNEKGWNYILEKYDGHLPIEIKAVPEGFVIPRGNVLFTVENTDPECYWLTNWIETILVQSWYPIT
VATNSREQKKILAKYLLETSGNLDGLEYKLHDFGYRGVSSQETAGIGASAHLVNFKGTDTVAGLALIKKYYGTKDPVPGY
SVPAAEHSTITAWGKDHEKDAFEHIVTQFSSVPVSVVSDSYDIYNACEKIWGEDLRHLIVSRSTQAPLIIRPDSGNPLDT
VLKVLEILGKKFPVTENSKGYKLLPPYLRVIQGDGVDINTLQEIVEGMKQKMWSIENIAFGSGGGLLQKLTRDLLNCSFK
CSYVVTNGLGINVFKDPVADPNKRSKKGRLSLHRTPAGNFVTLEEGKGDLEEYGQDLLHTVFKNGKVTKSYSFDEIRKNA
QLNIELEAAHHLEHHHHHHHH
;
_entity_poly.pdbx_strand_id   A,B
#
loop_
_chem_comp.id
_chem_comp.type
_chem_comp.name
_chem_comp.formula
2HJ non-polymer 4-({[(4-tert-butylphenyl)sulfonyl]amino}methyl)-N-(pyridin-3-yl)benzamide 'C23 H25 N3 O3 S'
EDO non-polymer 1,2-ETHANEDIOL 'C2 H6 O2'
PO4 non-polymer 'PHOSPHATE ION' 'O4 P -3'
#
# COMPACT_ATOMS: atom_id res chain seq x y z
N GLU A 8 -4.36 10.35 19.03
CA GLU A 8 -2.99 10.63 18.62
C GLU A 8 -2.17 9.36 18.40
N PHE A 9 -1.15 9.49 17.55
CA PHE A 9 -0.19 8.43 17.29
C PHE A 9 0.62 8.12 18.55
N ASN A 10 0.86 6.84 18.80
CA ASN A 10 1.60 6.42 19.99
C ASN A 10 2.75 5.51 19.55
N ILE A 11 3.98 6.01 19.64
CA ILE A 11 5.12 5.22 19.20
C ILE A 11 5.25 3.89 19.96
N LEU A 12 4.68 3.82 21.15
CA LEU A 12 4.75 2.59 21.93
C LEU A 12 3.84 1.49 21.35
N LEU A 13 2.94 1.89 20.46
CA LEU A 13 2.01 0.96 19.82
C LEU A 13 2.33 0.87 18.33
N ALA A 14 3.48 1.36 17.92
CA ALA A 14 3.81 1.41 16.49
C ALA A 14 4.99 0.51 16.17
N THR A 15 4.97 -0.69 16.72
CA THR A 15 6.01 -1.66 16.42
C THR A 15 5.35 -3.02 16.24
N ASP A 16 6.08 -3.98 15.67
CA ASP A 16 5.60 -5.36 15.59
C ASP A 16 5.46 -5.87 17.01
N SER A 17 4.36 -6.58 17.30
CA SER A 17 4.10 -7.06 18.65
C SER A 17 5.29 -7.76 19.28
N TYR A 18 5.98 -8.63 18.52
CA TYR A 18 7.06 -9.39 19.14
C TYR A 18 8.18 -8.54 19.71
N LYS A 19 8.35 -7.33 19.17
CA LYS A 19 9.43 -6.46 19.60
C LYS A 19 9.23 -5.97 21.03
N VAL A 20 7.97 -5.99 21.49
CA VAL A 20 7.66 -5.66 22.88
C VAL A 20 8.40 -6.58 23.85
N THR A 21 8.73 -7.78 23.39
CA THR A 21 9.34 -8.80 24.24
C THR A 21 10.86 -8.92 24.09
N HIS A 22 11.43 -8.15 23.16
CA HIS A 22 12.86 -8.32 22.87
C HIS A 22 13.83 -7.84 23.94
N TYR A 23 13.41 -6.89 24.78
CA TYR A 23 14.28 -6.39 25.83
C TYR A 23 14.69 -7.50 26.80
N LYS A 24 13.92 -8.58 26.82
CA LYS A 24 14.23 -9.73 27.68
C LYS A 24 15.07 -10.78 26.96
N GLN A 25 15.39 -10.53 25.71
CA GLN A 25 16.02 -11.57 24.89
C GLN A 25 17.47 -11.30 24.50
N TYR A 26 17.86 -10.03 24.47
CA TYR A 26 19.23 -9.65 24.15
C TYR A 26 20.17 -10.17 25.23
N PRO A 27 21.46 -10.32 24.92
CA PRO A 27 22.42 -10.77 25.94
C PRO A 27 22.45 -9.80 27.12
N PRO A 28 22.50 -10.34 28.35
CA PRO A 28 22.74 -9.44 29.49
C PRO A 28 24.00 -8.59 29.32
N ASN A 29 23.99 -7.40 29.91
CA ASN A 29 25.11 -6.46 29.87
C ASN A 29 25.37 -5.89 28.49
N THR A 30 24.29 -5.78 27.70
CA THR A 30 24.37 -5.17 26.38
C THR A 30 24.04 -3.69 26.48
N SER A 31 25.00 -2.86 26.07
CA SER A 31 24.87 -1.41 26.23
C SER A 31 24.62 -0.71 24.89
N LYS A 32 24.79 -1.45 23.80
CA LYS A 32 24.68 -0.84 22.47
C LYS A 32 24.12 -1.83 21.47
N VAL A 33 23.12 -1.41 20.71
CA VAL A 33 22.65 -2.17 19.56
C VAL A 33 22.68 -1.23 18.36
N TYR A 34 23.42 -1.61 17.32
CA TYR A 34 23.64 -0.75 16.16
C TYR A 34 23.13 -1.49 14.94
N SER A 35 22.26 -0.84 14.18
CA SER A 35 21.61 -1.50 13.06
C SER A 35 21.68 -0.66 11.81
N TYR A 36 21.44 -1.28 10.66
CA TYR A 36 21.58 -0.55 9.40
C TYR A 36 20.49 -0.97 8.41
N PHE A 37 20.22 -0.10 7.44
CA PHE A 37 19.24 -0.37 6.39
C PHE A 37 19.97 -0.42 5.06
N GLU A 38 19.65 -1.41 4.24
CA GLU A 38 20.16 -1.48 2.87
C GLU A 38 19.07 -1.99 1.95
N CYS A 39 19.24 -1.76 0.66
CA CYS A 39 18.44 -2.43 -0.36
C CYS A 39 19.32 -3.56 -0.87
N ARG A 40 19.17 -4.73 -0.23
CA ARG A 40 20.11 -5.83 -0.36
C ARG A 40 20.23 -6.32 -1.80
N GLU A 41 21.46 -6.58 -2.22
CA GLU A 41 21.72 -7.08 -3.55
C GLU A 41 21.17 -8.50 -3.64
N LYS A 42 20.70 -8.88 -4.82
CA LYS A 42 20.19 -10.23 -5.02
C LYS A 42 20.93 -10.91 -6.17
N LYS A 53 18.59 -5.48 -13.09
CA LYS A 53 17.26 -5.05 -12.64
C LYS A 53 17.34 -4.24 -11.35
N TYR A 54 16.91 -2.98 -11.43
CA TYR A 54 16.93 -2.08 -10.29
C TYR A 54 18.29 -2.09 -9.60
N GLU A 55 19.33 -1.74 -10.35
CA GLU A 55 20.70 -1.83 -9.84
C GLU A 55 21.06 -0.67 -8.90
N GLU A 56 20.29 0.42 -8.96
CA GLU A 56 20.52 1.57 -8.10
C GLU A 56 19.20 2.12 -7.58
N THR A 57 19.21 2.63 -6.35
CA THR A 57 17.97 3.10 -5.72
C THR A 57 18.06 4.58 -5.33
N VAL A 58 16.92 5.25 -5.35
CA VAL A 58 16.82 6.63 -4.90
C VAL A 58 16.48 6.63 -3.41
N PHE A 59 17.35 7.22 -2.59
CA PHE A 59 17.05 7.28 -1.16
C PHE A 59 16.15 8.48 -0.88
N TYR A 60 14.90 8.19 -0.50
CA TYR A 60 13.94 9.26 -0.27
C TYR A 60 12.89 8.78 0.74
N GLY A 61 12.51 9.67 1.66
CA GLY A 61 11.36 9.42 2.51
C GLY A 61 11.62 9.39 4.00
N LEU A 62 12.89 9.28 4.39
CA LEU A 62 13.21 9.18 5.82
C LEU A 62 12.86 10.47 6.57
N GLN A 63 13.11 11.61 5.94
CA GLN A 63 12.83 12.91 6.56
C GLN A 63 11.37 13.04 7.00
N TYR A 64 10.47 12.51 6.18
CA TYR A 64 9.06 12.47 6.53
C TYR A 64 8.84 11.70 7.82
N ILE A 65 9.42 10.50 7.88
CA ILE A 65 9.25 9.64 9.03
C ILE A 65 9.84 10.27 10.30
N LEU A 66 11.04 10.83 10.20
CA LEU A 66 11.70 11.47 11.35
C LEU A 66 10.81 12.56 11.93
N ASN A 67 10.30 13.43 11.07
CA ASN A 67 9.50 14.56 11.52
C ASN A 67 8.11 14.21 12.02
N LYS A 68 7.41 13.35 11.30
CA LYS A 68 6.04 13.03 11.67
C LYS A 68 5.95 12.14 12.91
N TYR A 69 6.89 11.23 13.05
CA TYR A 69 6.77 10.16 14.04
C TYR A 69 7.83 10.10 15.15
N LEU A 70 9.06 10.51 14.86
CA LEU A 70 10.15 10.23 15.79
C LEU A 70 10.64 11.39 16.63
N LYS A 71 10.48 12.62 16.13
CA LYS A 71 11.07 13.77 16.80
C LYS A 71 10.25 14.32 17.95
N GLY A 72 10.93 14.99 18.87
CA GLY A 72 10.26 15.70 19.96
C GLY A 72 9.81 14.78 21.07
N LYS A 73 8.84 15.23 21.86
CA LYS A 73 8.36 14.43 22.99
C LYS A 73 7.35 13.40 22.51
N VAL A 74 7.82 12.17 22.31
CA VAL A 74 6.98 11.11 21.75
C VAL A 74 6.53 10.12 22.81
N VAL A 75 7.04 10.29 24.02
CA VAL A 75 6.63 9.45 25.15
C VAL A 75 5.96 10.34 26.18
N THR A 76 4.77 9.94 26.65
CA THR A 76 4.11 10.60 27.77
C THR A 76 3.62 9.57 28.77
N LYS A 77 3.24 10.03 29.95
CA LYS A 77 2.70 9.15 30.97
C LYS A 77 1.48 8.40 30.46
N GLU A 78 0.63 9.13 29.75
CA GLU A 78 -0.62 8.58 29.24
C GLU A 78 -0.35 7.53 28.16
N LYS A 79 0.64 7.81 27.31
CA LYS A 79 1.01 6.87 26.25
C LYS A 79 1.58 5.58 26.80
N ILE A 80 2.35 5.68 27.88
CA ILE A 80 2.88 4.49 28.53
C ILE A 80 1.75 3.65 29.12
N GLN A 81 0.82 4.31 29.82
CA GLN A 81 -0.30 3.57 30.40
C GLN A 81 -1.17 2.93 29.32
N GLU A 82 -1.37 3.65 28.20
CA GLU A 82 -2.20 3.13 27.12
C GLU A 82 -1.57 1.85 26.58
N ALA A 83 -0.27 1.89 26.33
CA ALA A 83 0.43 0.71 25.82
C ALA A 83 0.38 -0.43 26.83
N LYS A 84 0.60 -0.11 28.10
CA LYS A 84 0.55 -1.13 29.14
C LYS A 84 -0.80 -1.87 29.12
N ASP A 85 -1.88 -1.10 28.99
CA ASP A 85 -3.22 -1.69 29.01
C ASP A 85 -3.47 -2.57 27.77
N VAL A 86 -3.04 -2.09 26.61
CA VAL A 86 -3.22 -2.81 25.36
C VAL A 86 -2.43 -4.12 25.36
N TYR A 87 -1.15 -4.04 25.70
CA TYR A 87 -0.29 -5.22 25.67
C TYR A 87 -0.69 -6.27 26.70
N LYS A 88 -1.23 -5.84 27.84
CA LYS A 88 -1.76 -6.76 28.84
C LYS A 88 -2.79 -7.71 28.22
N GLU A 89 -3.71 -7.16 27.43
CA GLU A 89 -4.74 -7.97 26.81
C GLU A 89 -4.21 -8.73 25.60
N HIS A 90 -3.37 -8.06 24.81
CA HIS A 90 -2.85 -8.60 23.54
C HIS A 90 -1.97 -9.83 23.78
N PHE A 91 -1.15 -9.78 24.82
CA PHE A 91 -0.30 -10.91 25.19
C PHE A 91 -0.89 -11.80 26.29
N GLN A 92 -1.96 -11.34 26.93
N GLN A 92 -1.97 -11.34 26.94
CA GLN A 92 -2.55 -12.05 28.08
CA GLN A 92 -2.54 -12.05 28.09
C GLN A 92 -1.47 -12.28 29.15
C GLN A 92 -1.47 -12.27 29.15
N ASP A 93 -0.63 -11.27 29.32
CA ASP A 93 0.57 -11.37 30.14
C ASP A 93 1.14 -9.96 30.28
N ASP A 94 1.98 -9.72 31.29
CA ASP A 94 2.47 -8.37 31.62
C ASP A 94 3.82 -7.95 30.99
N VAL A 95 4.22 -8.61 29.91
CA VAL A 95 5.59 -8.50 29.38
C VAL A 95 6.15 -7.09 29.01
N PHE A 96 5.29 -6.12 28.80
CA PHE A 96 5.69 -4.75 28.43
C PHE A 96 6.79 -4.06 29.30
N ASN A 97 7.81 -3.48 28.66
CA ASN A 97 8.94 -2.81 29.34
C ASN A 97 8.57 -1.39 29.80
N GLU A 98 7.67 -1.31 30.77
CA GLU A 98 7.23 -0.03 31.31
C GLU A 98 8.40 0.75 31.93
N LYS A 99 9.28 0.04 32.63
CA LYS A 99 10.42 0.66 33.26
C LYS A 99 11.33 1.37 32.23
N GLY A 100 11.57 0.70 31.11
CA GLY A 100 12.42 1.26 30.07
C GLY A 100 11.82 2.50 29.43
N TRP A 101 10.51 2.48 29.19
CA TRP A 101 9.86 3.64 28.60
C TRP A 101 9.78 4.79 29.61
N ASN A 102 9.60 4.47 30.89
N ASN A 102 9.58 4.44 30.88
CA ASN A 102 9.58 5.50 31.91
CA ASN A 102 9.60 5.44 31.95
C ASN A 102 10.92 6.22 32.05
C ASN A 102 10.91 6.20 32.01
N TYR A 103 12.00 5.48 31.88
CA TYR A 103 13.34 6.05 31.89
C TYR A 103 13.48 7.14 30.82
N ILE A 104 12.99 6.86 29.62
CA ILE A 104 13.08 7.83 28.54
C ILE A 104 12.26 9.07 28.86
N LEU A 105 11.08 8.85 29.44
CA LEU A 105 10.20 9.95 29.85
C LEU A 105 10.87 10.82 30.91
N GLU A 106 11.46 10.20 31.92
CA GLU A 106 12.03 10.95 33.04
C GLU A 106 13.35 11.62 32.70
N LYS A 107 14.24 10.89 32.04
CA LYS A 107 15.59 11.37 31.79
C LYS A 107 15.65 12.33 30.61
N TYR A 108 14.84 12.08 29.59
CA TYR A 108 14.97 12.81 28.33
C TYR A 108 13.72 13.58 27.92
N ASP A 109 12.81 13.78 28.87
CA ASP A 109 11.51 14.41 28.61
C ASP A 109 10.84 13.75 27.40
N GLY A 110 10.93 12.44 27.33
CA GLY A 110 10.23 11.68 26.32
C GLY A 110 10.80 11.77 24.91
N HIS A 111 12.02 12.29 24.77
CA HIS A 111 12.74 12.30 23.48
C HIS A 111 13.55 11.02 23.32
N LEU A 112 13.58 10.45 22.10
CA LEU A 112 14.27 9.17 21.89
C LEU A 112 15.80 9.31 21.90
N PRO A 113 16.47 8.57 22.80
CA PRO A 113 17.94 8.62 22.80
C PRO A 113 18.51 7.72 21.72
N ILE A 114 18.41 8.20 20.48
CA ILE A 114 18.76 7.43 19.29
C ILE A 114 19.54 8.36 18.37
N GLU A 115 20.52 7.82 17.66
CA GLU A 115 21.20 8.59 16.62
C GLU A 115 21.07 7.86 15.29
N ILE A 116 20.62 8.60 14.27
CA ILE A 116 20.45 8.05 12.94
C ILE A 116 21.34 8.83 11.97
N LYS A 117 22.14 8.10 11.20
CA LYS A 117 22.99 8.72 10.18
C LYS A 117 22.54 8.19 8.84
N ALA A 118 22.40 9.06 7.85
CA ALA A 118 21.86 8.64 6.55
C ALA A 118 22.55 9.33 5.37
N VAL A 119 22.51 8.67 4.22
CA VAL A 119 22.92 9.32 2.97
C VAL A 119 21.93 10.43 2.66
N PRO A 120 22.39 11.48 1.96
CA PRO A 120 21.46 12.57 1.63
C PRO A 120 20.30 12.10 0.78
N GLU A 121 19.12 12.66 1.04
CA GLU A 121 17.95 12.25 0.29
C GLU A 121 18.08 12.70 -1.15
N GLY A 122 17.58 11.86 -2.05
CA GLY A 122 17.73 12.08 -3.48
C GLY A 122 18.94 11.36 -4.02
N PHE A 123 19.88 10.99 -3.16
CA PHE A 123 21.07 10.27 -3.63
C PHE A 123 20.69 8.96 -4.30
N VAL A 124 21.39 8.65 -5.38
CA VAL A 124 21.18 7.43 -6.16
C VAL A 124 22.35 6.49 -5.88
N ILE A 125 22.06 5.38 -5.22
CA ILE A 125 23.10 4.49 -4.67
C ILE A 125 22.87 3.07 -5.17
N PRO A 126 23.95 2.38 -5.58
CA PRO A 126 23.80 0.99 -6.02
C PRO A 126 23.30 0.10 -4.89
N ARG A 127 22.62 -0.98 -5.27
CA ARG A 127 22.13 -1.97 -4.33
C ARG A 127 23.25 -2.52 -3.46
N GLY A 128 22.92 -2.89 -2.23
CA GLY A 128 23.86 -3.55 -1.34
C GLY A 128 24.75 -2.60 -0.57
N ASN A 129 24.34 -1.33 -0.47
CA ASN A 129 25.07 -0.33 0.29
C ASN A 129 24.30 0.15 1.49
N VAL A 130 25.01 0.48 2.56
CA VAL A 130 24.33 1.09 3.72
C VAL A 130 23.68 2.42 3.34
N LEU A 131 22.43 2.61 3.72
CA LEU A 131 21.73 3.85 3.39
C LEU A 131 21.46 4.66 4.65
N PHE A 132 21.17 3.96 5.74
CA PHE A 132 21.16 4.64 7.03
C PHE A 132 21.50 3.69 8.18
N THR A 133 21.95 4.24 9.29
CA THR A 133 22.25 3.44 10.49
C THR A 133 21.54 4.04 11.68
N VAL A 134 21.30 3.21 12.70
CA VAL A 134 20.55 3.58 13.89
C VAL A 134 21.27 2.98 15.09
N GLU A 135 21.45 3.77 16.13
CA GLU A 135 21.97 3.21 17.38
C GLU A 135 21.49 4.02 18.56
N ASN A 136 21.46 3.39 19.72
CA ASN A 136 21.05 4.08 20.94
C ASN A 136 22.17 4.92 21.48
N THR A 137 21.83 6.03 22.15
CA THR A 137 22.87 6.93 22.65
C THR A 137 23.04 6.80 24.15
N ASP A 138 22.16 6.02 24.77
CA ASP A 138 22.18 5.77 26.21
C ASP A 138 22.15 4.24 26.39
N PRO A 139 23.09 3.70 27.18
CA PRO A 139 23.18 2.24 27.36
C PRO A 139 21.89 1.61 27.89
N GLU A 140 21.12 2.35 28.67
CA GLU A 140 19.85 1.83 29.17
C GLU A 140 18.87 1.51 28.04
N CYS A 141 19.05 2.15 26.89
CA CYS A 141 18.08 2.06 25.81
C CYS A 141 18.58 1.20 24.64
N TYR A 142 19.38 0.17 24.96
CA TYR A 142 19.87 -0.79 23.96
C TYR A 142 18.72 -1.40 23.14
N TRP A 143 17.57 -1.56 23.79
CA TRP A 143 16.38 -2.18 23.20
C TRP A 143 15.66 -1.26 22.20
N LEU A 144 15.99 0.01 22.22
CA LEU A 144 15.21 0.99 21.46
C LEU A 144 15.55 0.99 19.98
N THR A 145 16.79 0.63 19.67
CA THR A 145 17.29 0.65 18.29
C THR A 145 16.38 -0.16 17.38
N ASN A 146 16.05 -1.36 17.82
CA ASN A 146 15.24 -2.24 16.99
C ASN A 146 13.75 -2.13 17.25
N TRP A 147 13.36 -1.47 18.35
CA TRP A 147 11.95 -1.11 18.54
C TRP A 147 11.45 -0.33 17.33
N ILE A 148 12.26 0.59 16.84
CA ILE A 148 11.82 1.48 15.78
C ILE A 148 12.14 0.93 14.38
N GLU A 149 12.57 -0.33 14.31
CA GLU A 149 12.80 -0.96 13.01
C GLU A 149 11.55 -0.87 12.13
N THR A 150 10.40 -1.24 12.69
CA THR A 150 9.15 -1.37 11.92
C THR A 150 8.77 -0.07 11.24
N ILE A 151 8.82 1.02 11.99
CA ILE A 151 8.48 2.32 11.46
C ILE A 151 9.51 2.82 10.45
N LEU A 152 10.80 2.57 10.73
CA LEU A 152 11.84 3.00 9.81
C LEU A 152 11.88 2.20 8.53
N VAL A 153 11.56 0.90 8.61
CA VAL A 153 11.59 0.03 7.42
C VAL A 153 10.52 0.44 6.38
N GLN A 154 9.47 1.12 6.84
CA GLN A 154 8.45 1.60 5.91
C GLN A 154 9.00 2.63 4.92
N SER A 155 10.23 3.08 5.14
CA SER A 155 10.91 3.92 4.15
C SER A 155 11.10 3.15 2.86
N TRP A 156 10.94 1.83 2.90
CA TRP A 156 11.02 1.01 1.68
C TRP A 156 10.08 1.58 0.62
N TYR A 157 8.93 2.08 1.05
CA TYR A 157 7.90 2.47 0.12
C TYR A 157 8.28 3.72 -0.70
N PRO A 158 8.57 4.86 -0.05
CA PRO A 158 8.99 5.99 -0.88
C PRO A 158 10.30 5.72 -1.64
N ILE A 159 11.22 4.93 -1.08
CA ILE A 159 12.41 4.55 -1.83
C ILE A 159 12.01 3.81 -3.11
N THR A 160 11.07 2.89 -2.99
CA THR A 160 10.75 2.01 -4.12
C THR A 160 9.92 2.74 -5.17
N VAL A 161 8.99 3.57 -4.73
CA VAL A 161 8.23 4.41 -5.67
C VAL A 161 9.17 5.34 -6.42
N ALA A 162 10.05 6.02 -5.70
CA ALA A 162 10.97 6.97 -6.35
C ALA A 162 11.88 6.25 -7.35
N THR A 163 12.33 5.07 -6.97
CA THR A 163 13.26 4.29 -7.78
C THR A 163 12.58 3.77 -9.02
N ASN A 164 11.41 3.18 -8.85
CA ASN A 164 10.66 2.67 -10.00
C ASN A 164 10.20 3.77 -10.96
N SER A 165 9.87 4.93 -10.40
CA SER A 165 9.49 6.09 -11.21
C SER A 165 10.70 6.57 -12.01
N ARG A 166 11.86 6.59 -11.37
CA ARG A 166 13.07 7.03 -12.04
C ARG A 166 13.45 6.06 -13.16
N GLU A 167 13.25 4.76 -12.94
CA GLU A 167 13.56 3.76 -13.96
C GLU A 167 12.66 3.94 -15.19
N GLN A 168 11.41 4.33 -14.95
CA GLN A 168 10.54 4.64 -16.08
C GLN A 168 10.97 5.92 -16.81
N LYS A 169 11.44 6.91 -16.07
CA LYS A 169 11.95 8.13 -16.69
C LYS A 169 13.16 7.81 -17.57
N LYS A 170 13.98 6.85 -17.15
CA LYS A 170 15.14 6.45 -17.98
C LYS A 170 14.69 5.89 -19.31
N ILE A 171 13.64 5.05 -19.28
CA ILE A 171 13.09 4.46 -20.50
C ILE A 171 12.53 5.57 -21.39
N LEU A 172 11.75 6.47 -20.80
CA LEU A 172 11.15 7.55 -21.56
C LEU A 172 12.24 8.46 -22.16
N ALA A 173 13.29 8.73 -21.40
CA ALA A 173 14.34 9.63 -21.87
C ALA A 173 15.04 9.05 -23.07
N LYS A 174 15.35 7.76 -23.00
CA LYS A 174 16.07 7.08 -24.07
C LYS A 174 15.29 7.14 -25.38
N TYR A 175 14.00 6.82 -25.31
CA TYR A 175 13.17 6.80 -26.52
C TYR A 175 12.78 8.20 -27.00
N LEU A 176 12.58 9.13 -26.07
CA LEU A 176 12.31 10.51 -26.47
C LEU A 176 13.55 11.09 -27.18
N LEU A 177 14.73 10.83 -26.64
CA LEU A 177 15.95 11.36 -27.25
C LEU A 177 16.14 10.77 -28.64
N GLU A 178 15.92 9.47 -28.75
CA GLU A 178 16.13 8.79 -30.02
C GLU A 178 15.16 9.24 -31.10
N THR A 179 13.90 9.43 -30.73
CA THR A 179 12.91 9.76 -31.75
C THR A 179 12.72 11.26 -31.98
N SER A 180 13.26 12.10 -31.10
CA SER A 180 13.03 13.55 -31.23
C SER A 180 14.31 14.38 -31.25
N GLY A 181 15.39 13.84 -30.73
CA GLY A 181 16.67 14.54 -30.68
C GLY A 181 16.88 15.37 -29.43
N ASN A 182 15.88 15.38 -28.55
CA ASN A 182 16.01 16.13 -27.31
C ASN A 182 15.14 15.54 -26.22
N LEU A 183 15.10 16.20 -25.07
CA LEU A 183 14.35 15.68 -23.93
C LEU A 183 13.25 16.64 -23.50
N ASP A 184 12.81 17.52 -24.41
CA ASP A 184 11.76 18.48 -24.07
C ASP A 184 10.49 17.75 -23.64
N GLY A 185 9.93 18.16 -22.49
CA GLY A 185 8.69 17.60 -22.01
C GLY A 185 8.82 16.30 -21.23
N LEU A 186 10.06 15.83 -21.02
CA LEU A 186 10.28 14.57 -20.33
C LEU A 186 9.66 14.52 -18.93
N GLU A 187 9.74 15.62 -18.20
N GLU A 187 9.73 15.63 -18.21
CA GLU A 187 9.27 15.64 -16.81
CA GLU A 187 9.27 15.67 -16.82
C GLU A 187 7.73 15.65 -16.71
C GLU A 187 7.74 15.65 -16.72
N TYR A 188 7.06 15.64 -17.86
CA TYR A 188 5.60 15.53 -17.88
C TYR A 188 5.11 14.29 -18.60
N LYS A 189 6.02 13.34 -18.85
CA LYS A 189 5.67 12.16 -19.63
C LYS A 189 5.03 11.02 -18.83
N LEU A 190 5.05 11.11 -17.51
CA LEU A 190 4.46 10.07 -16.67
C LEU A 190 3.63 10.69 -15.54
N HIS A 191 2.31 10.74 -15.75
CA HIS A 191 1.39 11.43 -14.85
C HIS A 191 0.86 10.45 -13.80
N ASP A 192 0.84 10.88 -12.54
CA ASP A 192 0.35 10.05 -11.43
C ASP A 192 -1.18 10.03 -11.46
N PHE A 193 -1.77 8.86 -11.71
CA PHE A 193 -3.21 8.63 -11.67
C PHE A 193 -3.61 7.77 -10.47
N GLY A 194 -2.71 7.60 -9.50
CA GLY A 194 -2.84 6.52 -8.54
C GLY A 194 -3.59 6.73 -7.24
N TYR A 195 -4.21 7.90 -7.06
CA TYR A 195 -4.83 8.20 -5.77
C TYR A 195 -5.87 7.15 -5.33
N ARG A 196 -6.76 6.75 -6.25
CA ARG A 196 -7.81 5.79 -5.89
C ARG A 196 -7.30 4.37 -5.72
N GLY A 197 -6.13 4.09 -6.30
CA GLY A 197 -5.61 2.75 -6.40
C GLY A 197 -4.60 2.38 -5.32
N VAL A 198 -4.35 3.29 -4.39
CA VAL A 198 -3.48 2.94 -3.28
C VAL A 198 -4.30 2.57 -2.06
N SER A 199 -3.61 2.14 -1.01
CA SER A 199 -4.24 1.53 0.14
C SER A 199 -4.74 2.49 1.21
N SER A 200 -4.28 3.74 1.20
CA SER A 200 -4.74 4.71 2.20
C SER A 200 -4.45 6.13 1.78
N GLN A 201 -5.06 7.07 2.48
CA GLN A 201 -4.76 8.48 2.28
C GLN A 201 -3.28 8.77 2.58
N GLU A 202 -2.75 8.17 3.64
CA GLU A 202 -1.36 8.46 4.00
C GLU A 202 -0.42 7.95 2.91
N THR A 203 -0.69 6.73 2.45
CA THR A 203 0.09 6.13 1.38
C THR A 203 0.06 7.00 0.13
N ALA A 204 -1.12 7.51 -0.21
CA ALA A 204 -1.27 8.38 -1.38
C ALA A 204 -0.29 9.56 -1.33
N GLY A 205 -0.23 10.24 -0.18
CA GLY A 205 0.67 11.37 -0.04
C GLY A 205 2.13 10.99 -0.17
N ILE A 206 2.54 9.92 0.51
CA ILE A 206 3.93 9.47 0.49
C ILE A 206 4.32 9.06 -0.94
N GLY A 207 3.50 8.22 -1.55
CA GLY A 207 3.80 7.71 -2.88
C GLY A 207 3.80 8.80 -3.94
N ALA A 208 2.82 9.68 -3.90
CA ALA A 208 2.78 10.78 -4.87
C ALA A 208 4.01 11.67 -4.73
N SER A 209 4.46 11.89 -3.49
CA SER A 209 5.63 12.75 -3.29
C SER A 209 6.87 12.09 -3.86
N ALA A 210 6.92 10.75 -3.79
CA ALA A 210 8.09 10.03 -4.30
C ALA A 210 8.16 10.09 -5.82
N HIS A 211 7.01 9.98 -6.47
CA HIS A 211 6.96 10.12 -7.93
C HIS A 211 7.41 11.51 -8.37
N LEU A 212 7.05 12.52 -7.58
CA LEU A 212 7.41 13.90 -7.88
C LEU A 212 8.91 14.20 -7.75
N VAL A 213 9.67 13.25 -7.20
CA VAL A 213 11.12 13.38 -7.23
C VAL A 213 11.63 13.39 -8.69
N ASN A 214 10.86 12.75 -9.57
CA ASN A 214 11.27 12.53 -10.96
C ASN A 214 10.46 13.27 -12.01
N PHE A 215 9.18 13.51 -11.70
CA PHE A 215 8.28 14.11 -12.67
C PHE A 215 7.52 15.27 -12.03
N LYS A 216 6.79 16.03 -12.84
CA LYS A 216 6.05 17.17 -12.32
C LYS A 216 4.54 17.08 -12.56
N GLY A 217 4.09 16.01 -13.20
CA GLY A 217 2.67 15.85 -13.45
C GLY A 217 1.98 14.87 -12.53
N THR A 218 0.98 15.34 -11.79
CA THR A 218 0.28 14.48 -10.83
C THR A 218 -1.17 14.90 -10.63
N ASP A 219 -2.04 13.90 -10.44
CA ASP A 219 -3.40 14.15 -9.99
C ASP A 219 -3.57 13.70 -8.54
N THR A 220 -2.51 13.21 -7.93
CA THR A 220 -2.61 12.76 -6.54
C THR A 220 -2.29 13.92 -5.60
N VAL A 221 -3.33 14.72 -5.34
CA VAL A 221 -3.20 16.02 -4.66
C VAL A 221 -2.51 15.90 -3.29
N ALA A 222 -2.72 14.76 -2.64
CA ALA A 222 -2.11 14.51 -1.33
C ALA A 222 -0.60 14.71 -1.32
N GLY A 223 0.07 14.44 -2.44
CA GLY A 223 1.51 14.60 -2.51
C GLY A 223 1.99 16.03 -2.29
N LEU A 224 1.19 17.00 -2.74
CA LEU A 224 1.58 18.41 -2.65
C LEU A 224 1.72 18.87 -1.20
N ALA A 225 0.74 18.54 -0.36
CA ALA A 225 0.73 18.98 1.04
C ALA A 225 1.88 18.35 1.82
N LEU A 226 2.18 17.09 1.52
CA LEU A 226 3.29 16.39 2.15
C LEU A 226 4.61 17.10 1.85
N ILE A 227 4.83 17.41 0.58
CA ILE A 227 6.07 18.08 0.20
C ILE A 227 6.17 19.46 0.86
N LYS A 228 5.06 20.19 0.90
CA LYS A 228 5.08 21.53 1.47
C LYS A 228 5.42 21.50 2.96
N LYS A 229 4.86 20.53 3.66
CA LYS A 229 5.04 20.42 5.11
C LYS A 229 6.41 19.91 5.53
N TYR A 230 6.93 18.90 4.82
CA TYR A 230 8.12 18.18 5.28
C TYR A 230 9.41 18.45 4.52
N TYR A 231 9.32 19.00 3.31
CA TYR A 231 10.48 19.16 2.46
C TYR A 231 10.66 20.58 1.95
N GLY A 232 9.66 21.08 1.23
CA GLY A 232 9.65 22.46 0.75
C GLY A 232 10.22 22.63 -0.63
N THR A 233 9.64 23.54 -1.41
CA THR A 233 10.21 23.88 -2.71
C THR A 233 10.16 25.39 -2.93
N LYS A 234 11.06 25.90 -3.75
CA LYS A 234 11.08 27.32 -4.08
C LYS A 234 9.81 27.70 -4.87
N ASP A 235 9.41 26.83 -5.78
CA ASP A 235 8.18 27.06 -6.54
C ASP A 235 6.95 26.90 -5.65
N PRO A 236 5.81 27.52 -6.02
CA PRO A 236 4.64 27.42 -5.15
C PRO A 236 4.20 25.97 -4.95
N VAL A 237 4.19 25.18 -6.02
CA VAL A 237 3.85 23.76 -5.93
C VAL A 237 4.85 22.84 -6.66
N PRO A 238 4.99 21.58 -6.20
CA PRO A 238 5.92 20.66 -6.85
C PRO A 238 5.34 19.92 -8.06
N GLY A 239 4.02 19.98 -8.23
CA GLY A 239 3.37 19.24 -9.30
C GLY A 239 2.15 19.94 -9.85
N TYR A 240 1.80 19.60 -11.09
CA TYR A 240 0.78 20.33 -11.85
C TYR A 240 -0.17 19.38 -12.57
N SER A 241 -1.36 19.90 -12.91
CA SER A 241 -2.29 19.15 -13.76
C SER A 241 -3.06 20.09 -14.69
N VAL A 242 -3.98 19.52 -15.48
CA VAL A 242 -4.79 20.29 -16.41
C VAL A 242 -6.22 19.75 -16.36
N PRO A 243 -7.19 20.50 -16.90
CA PRO A 243 -8.56 19.97 -16.92
C PRO A 243 -8.64 18.69 -17.74
N ALA A 244 -9.44 17.74 -17.29
CA ALA A 244 -9.51 16.45 -17.94
C ALA A 244 -10.83 15.81 -17.61
N ALA A 245 -11.37 15.07 -18.58
CA ALA A 245 -12.65 14.39 -18.40
C ALA A 245 -12.46 13.01 -17.79
N GLU A 246 -13.51 12.51 -17.15
CA GLU A 246 -13.59 11.11 -16.75
C GLU A 246 -14.78 10.51 -17.49
N HIS A 247 -14.97 9.20 -17.41
CA HIS A 247 -16.07 8.59 -18.14
C HIS A 247 -17.42 9.20 -17.72
N SER A 248 -17.58 9.50 -16.44
CA SER A 248 -18.88 10.03 -15.97
C SER A 248 -19.27 11.35 -16.65
N THR A 249 -18.30 12.22 -16.93
CA THR A 249 -18.65 13.50 -17.56
C THR A 249 -18.92 13.36 -19.05
N ILE A 250 -18.58 12.21 -19.62
CA ILE A 250 -18.98 11.90 -21.00
C ILE A 250 -20.30 11.15 -21.00
N THR A 251 -20.36 10.06 -20.23
CA THR A 251 -21.52 9.18 -20.27
C THR A 251 -22.81 9.82 -19.74
N ALA A 252 -22.68 10.81 -18.86
CA ALA A 252 -23.83 11.51 -18.32
C ALA A 252 -24.67 12.17 -19.41
N TRP A 253 -24.07 12.44 -20.56
CA TRP A 253 -24.77 13.09 -21.67
C TRP A 253 -25.70 12.15 -22.40
N GLY A 254 -25.55 10.85 -22.14
CA GLY A 254 -26.32 9.84 -22.84
C GLY A 254 -25.53 9.26 -24.00
N LYS A 255 -25.77 7.98 -24.26
CA LYS A 255 -25.07 7.22 -25.29
C LYS A 255 -25.05 7.91 -26.67
N ASP A 256 -26.14 8.56 -27.05
CA ASP A 256 -26.24 9.17 -28.37
C ASP A 256 -25.64 10.57 -28.46
N HIS A 257 -25.11 11.05 -27.34
CA HIS A 257 -24.65 12.43 -27.28
C HIS A 257 -23.19 12.55 -26.88
N GLU A 258 -22.40 11.54 -27.19
CA GLU A 258 -20.96 11.62 -26.94
C GLU A 258 -20.35 12.85 -27.61
N LYS A 259 -20.75 13.12 -28.86
CA LYS A 259 -20.21 14.27 -29.58
C LYS A 259 -20.54 15.58 -28.87
N ASP A 260 -21.75 15.69 -28.34
CA ASP A 260 -22.15 16.87 -27.56
C ASP A 260 -21.29 17.04 -26.31
N ALA A 261 -20.97 15.92 -25.66
CA ALA A 261 -20.12 15.97 -24.48
C ALA A 261 -18.75 16.49 -24.87
N PHE A 262 -18.16 15.90 -25.90
CA PHE A 262 -16.83 16.33 -26.36
C PHE A 262 -16.83 17.82 -26.70
N GLU A 263 -17.82 18.26 -27.47
CA GLU A 263 -17.89 19.66 -27.88
C GLU A 263 -18.00 20.60 -26.69
N HIS A 264 -18.85 20.25 -25.74
CA HIS A 264 -19.01 21.06 -24.53
C HIS A 264 -17.69 21.19 -23.77
N ILE A 265 -16.99 20.07 -23.61
CA ILE A 265 -15.79 20.06 -22.77
C ILE A 265 -14.63 20.83 -23.41
N VAL A 266 -14.40 20.62 -24.70
CA VAL A 266 -13.28 21.32 -25.34
C VAL A 266 -13.56 22.82 -25.48
N THR A 267 -14.85 23.18 -25.52
CA THR A 267 -15.20 24.59 -25.61
C THR A 267 -15.10 25.27 -24.25
N GLN A 268 -15.49 24.56 -23.19
CA GLN A 268 -15.29 25.03 -21.82
C GLN A 268 -13.82 25.30 -21.55
N PHE A 269 -12.97 24.41 -22.03
CA PHE A 269 -11.53 24.54 -21.80
C PHE A 269 -10.81 24.81 -23.12
N SER A 270 -11.13 25.93 -23.75
CA SER A 270 -10.68 26.21 -25.11
C SER A 270 -9.26 26.76 -25.19
N SER A 271 -8.78 27.33 -24.09
CA SER A 271 -7.50 28.03 -24.12
C SER A 271 -6.47 27.43 -23.16
N VAL A 272 -6.76 26.24 -22.63
CA VAL A 272 -5.78 25.49 -21.83
C VAL A 272 -5.71 24.06 -22.37
N PRO A 273 -4.66 23.30 -22.02
CA PRO A 273 -4.65 21.89 -22.44
C PRO A 273 -5.84 21.16 -21.83
N VAL A 274 -6.43 20.24 -22.57
CA VAL A 274 -7.54 19.46 -22.03
C VAL A 274 -7.44 18.01 -22.46
N SER A 275 -7.56 17.09 -21.50
CA SER A 275 -7.58 15.66 -21.81
C SER A 275 -9.02 15.15 -21.82
N VAL A 276 -9.38 14.41 -22.87
CA VAL A 276 -10.74 13.90 -22.98
C VAL A 276 -10.71 12.40 -23.20
N VAL A 277 -11.23 11.66 -22.22
CA VAL A 277 -11.31 10.21 -22.33
C VAL A 277 -12.27 9.83 -23.46
N SER A 278 -11.81 8.99 -24.37
CA SER A 278 -12.48 8.88 -25.66
C SER A 278 -12.97 7.48 -25.98
N ASP A 279 -12.88 6.58 -25.00
CA ASP A 279 -13.20 5.17 -25.23
C ASP A 279 -14.50 4.70 -24.55
N SER A 280 -15.36 5.63 -24.14
CA SER A 280 -16.60 5.25 -23.43
C SER A 280 -17.39 4.18 -24.18
N TYR A 281 -17.45 4.31 -25.50
CA TYR A 281 -18.23 3.39 -26.32
C TYR A 281 -17.39 2.78 -27.44
N ASP A 282 -16.65 3.60 -28.16
CA ASP A 282 -15.85 3.12 -29.28
C ASP A 282 -14.75 4.14 -29.57
N ILE A 283 -13.57 3.87 -29.02
CA ILE A 283 -12.41 4.75 -29.16
C ILE A 283 -12.06 5.04 -30.61
N TYR A 284 -12.21 4.03 -31.47
CA TYR A 284 -11.80 4.18 -32.86
C TYR A 284 -12.77 5.07 -33.63
N ASN A 285 -14.06 4.88 -33.39
CA ASN A 285 -15.08 5.77 -33.92
C ASN A 285 -14.87 7.20 -33.42
N ALA A 286 -14.60 7.33 -32.12
CA ALA A 286 -14.43 8.65 -31.54
C ALA A 286 -13.28 9.40 -32.22
N CYS A 287 -12.17 8.69 -32.45
CA CYS A 287 -11.02 9.33 -33.08
C CYS A 287 -11.26 9.66 -34.54
N GLU A 288 -11.79 8.70 -35.29
CA GLU A 288 -11.90 8.87 -36.72
C GLU A 288 -13.08 9.75 -37.12
N LYS A 289 -14.22 9.54 -36.47
CA LYS A 289 -15.46 10.22 -36.88
C LYS A 289 -15.76 11.46 -36.06
N ILE A 290 -15.65 11.37 -34.74
CA ILE A 290 -16.03 12.50 -33.89
C ILE A 290 -14.94 13.57 -33.89
N TRP A 291 -13.76 13.23 -33.37
CA TRP A 291 -12.64 14.17 -33.40
C TRP A 291 -12.17 14.43 -34.83
N GLY A 292 -12.08 13.37 -35.64
CA GLY A 292 -11.46 13.44 -36.94
C GLY A 292 -12.32 14.06 -38.03
N GLU A 293 -13.63 14.14 -37.78
CA GLU A 293 -14.53 14.73 -38.78
C GLU A 293 -15.48 15.75 -38.15
N ASP A 294 -16.40 15.28 -37.31
CA ASP A 294 -17.47 16.15 -36.80
C ASP A 294 -16.98 17.36 -36.03
N LEU A 295 -15.95 17.17 -35.20
CA LEU A 295 -15.44 18.26 -34.35
C LEU A 295 -14.02 18.70 -34.73
N ARG A 296 -13.54 18.25 -35.89
CA ARG A 296 -12.20 18.59 -36.35
C ARG A 296 -11.93 20.09 -36.32
N HIS A 297 -12.95 20.88 -36.66
CA HIS A 297 -12.79 22.33 -36.74
C HIS A 297 -12.52 22.96 -35.38
N LEU A 298 -12.92 22.28 -34.32
CA LEU A 298 -12.67 22.78 -32.98
C LEU A 298 -11.28 22.39 -32.50
N ILE A 299 -10.63 21.45 -33.19
CA ILE A 299 -9.33 20.96 -32.78
C ILE A 299 -8.22 21.70 -33.51
N VAL A 300 -8.36 21.82 -34.82
CA VAL A 300 -7.31 22.44 -35.63
C VAL A 300 -7.13 23.94 -35.35
N SER A 301 -8.08 24.53 -34.62
CA SER A 301 -8.05 25.93 -34.27
C SER A 301 -7.35 26.21 -32.95
N ARG A 302 -6.97 25.14 -32.23
CA ARG A 302 -6.41 25.31 -30.89
C ARG A 302 -4.94 25.73 -30.88
N SER A 303 -4.56 26.46 -29.82
CA SER A 303 -3.18 26.88 -29.61
C SER A 303 -2.25 25.71 -29.32
N THR A 304 -0.97 25.90 -29.63
CA THR A 304 0.08 24.95 -29.29
C THR A 304 0.22 24.81 -27.77
N GLN A 305 -0.14 25.86 -27.03
CA GLN A 305 -0.08 25.83 -25.58
C GLN A 305 -1.37 25.24 -25.00
N ALA A 306 -2.32 24.90 -25.86
CA ALA A 306 -3.60 24.34 -25.40
C ALA A 306 -4.11 23.17 -26.25
N PRO A 307 -3.30 22.10 -26.37
CA PRO A 307 -3.74 21.00 -27.25
C PRO A 307 -4.92 20.22 -26.69
N LEU A 308 -5.64 19.54 -27.58
CA LEU A 308 -6.51 18.47 -27.16
C LEU A 308 -5.64 17.25 -26.88
N ILE A 309 -5.82 16.62 -25.73
CA ILE A 309 -5.12 15.39 -25.42
C ILE A 309 -6.13 14.26 -25.41
N ILE A 310 -6.07 13.39 -26.41
CA ILE A 310 -7.02 12.29 -26.51
C ILE A 310 -6.57 11.16 -25.60
N ARG A 311 -7.51 10.61 -24.83
CA ARG A 311 -7.17 9.57 -23.85
C ARG A 311 -7.92 8.26 -24.12
N PRO A 312 -7.24 7.27 -24.71
CA PRO A 312 -7.83 5.94 -24.72
C PRO A 312 -7.70 5.34 -23.33
N ASP A 313 -8.50 4.34 -22.98
CA ASP A 313 -8.45 3.80 -21.62
C ASP A 313 -8.81 2.31 -21.56
N SER A 314 -8.68 1.60 -22.68
CA SER A 314 -9.06 0.19 -22.71
C SER A 314 -8.48 -0.52 -23.92
N GLY A 315 -8.46 -1.86 -23.85
CA GLY A 315 -7.89 -2.66 -24.91
C GLY A 315 -6.41 -2.88 -24.65
N ASN A 316 -5.75 -3.64 -25.51
CA ASN A 316 -4.31 -3.82 -25.39
C ASN A 316 -3.64 -2.46 -25.52
N PRO A 317 -2.82 -2.05 -24.52
CA PRO A 317 -2.26 -0.70 -24.51
C PRO A 317 -1.42 -0.38 -25.75
N LEU A 318 -0.52 -1.27 -26.15
CA LEU A 318 0.27 -1.04 -27.35
C LEU A 318 -0.60 -1.01 -28.61
N ASP A 319 -1.43 -2.02 -28.80
CA ASP A 319 -2.26 -2.09 -30.00
C ASP A 319 -3.17 -0.88 -30.12
N THR A 320 -3.69 -0.42 -28.99
CA THR A 320 -4.63 0.69 -28.98
C THR A 320 -3.91 2.00 -29.31
N VAL A 321 -2.77 2.24 -28.66
CA VAL A 321 -1.97 3.43 -28.97
C VAL A 321 -1.63 3.50 -30.45
N LEU A 322 -1.17 2.39 -31.02
CA LEU A 322 -0.76 2.39 -32.42
C LEU A 322 -1.93 2.66 -33.35
N LYS A 323 -3.08 2.06 -33.05
CA LYS A 323 -4.27 2.25 -33.87
C LYS A 323 -4.79 3.68 -33.74
N VAL A 324 -4.80 4.23 -32.53
CA VAL A 324 -5.20 5.62 -32.35
C VAL A 324 -4.30 6.56 -33.17
N LEU A 325 -2.98 6.38 -33.08
CA LEU A 325 -2.07 7.22 -33.85
C LEU A 325 -2.29 7.06 -35.36
N GLU A 326 -2.49 5.82 -35.79
CA GLU A 326 -2.77 5.51 -37.19
C GLU A 326 -4.00 6.28 -37.69
N ILE A 327 -5.08 6.22 -36.91
CA ILE A 327 -6.30 6.96 -37.23
C ILE A 327 -6.07 8.45 -37.29
N LEU A 328 -5.45 9.00 -36.24
CA LEU A 328 -5.25 10.44 -36.16
C LEU A 328 -4.32 10.93 -37.26
N GLY A 329 -3.33 10.12 -37.61
CA GLY A 329 -2.38 10.47 -38.65
C GLY A 329 -3.04 10.60 -40.01
N LYS A 330 -4.19 9.98 -40.16
CA LYS A 330 -4.88 10.06 -41.46
C LYS A 330 -5.95 11.14 -41.51
N LYS A 331 -6.31 11.68 -40.35
CA LYS A 331 -7.33 12.73 -40.31
C LYS A 331 -6.72 14.10 -40.03
N PHE A 332 -5.46 14.13 -39.60
CA PHE A 332 -4.79 15.37 -39.21
C PHE A 332 -3.44 15.48 -39.91
N PRO A 333 -2.94 16.71 -40.12
CA PRO A 333 -1.68 16.82 -40.85
C PRO A 333 -0.47 16.41 -40.01
N VAL A 334 0.21 15.36 -40.46
CA VAL A 334 1.36 14.83 -39.73
C VAL A 334 2.63 15.31 -40.41
N THR A 335 3.64 15.66 -39.62
CA THR A 335 4.95 16.00 -40.18
C THR A 335 5.96 14.90 -39.85
N GLU A 336 7.12 14.99 -40.47
CA GLU A 336 8.20 14.08 -40.16
C GLU A 336 9.32 14.92 -39.57
N ASN A 337 9.72 14.61 -38.34
CA ASN A 337 10.75 15.41 -37.69
C ASN A 337 12.14 15.10 -38.22
N SER A 338 13.13 15.82 -37.69
CA SER A 338 14.49 15.75 -38.23
C SER A 338 15.15 14.39 -37.98
N LYS A 339 14.51 13.57 -37.14
CA LYS A 339 15.00 12.22 -36.88
C LYS A 339 14.31 11.19 -37.78
N GLY A 340 13.29 11.61 -38.52
CA GLY A 340 12.58 10.72 -39.42
C GLY A 340 11.31 10.12 -38.82
N TYR A 341 10.89 10.66 -37.67
CA TYR A 341 9.73 10.13 -36.97
C TYR A 341 8.48 10.99 -37.15
N LYS A 342 7.32 10.35 -37.17
CA LYS A 342 6.08 11.06 -37.39
C LYS A 342 5.63 11.85 -36.18
N LEU A 343 5.09 13.04 -36.44
CA LEU A 343 4.69 13.96 -35.38
C LEU A 343 3.31 14.55 -35.70
N LEU A 344 2.38 14.38 -34.77
CA LEU A 344 1.04 14.97 -34.86
C LEU A 344 1.18 16.48 -34.80
N PRO A 345 0.18 17.21 -35.32
CA PRO A 345 0.21 18.68 -35.21
C PRO A 345 0.20 19.10 -33.75
N PRO A 346 0.71 20.30 -33.45
CA PRO A 346 0.96 20.64 -32.04
C PRO A 346 -0.30 20.83 -31.19
N TYR A 347 -1.47 20.89 -31.82
CA TYR A 347 -2.70 21.08 -31.08
C TYR A 347 -3.33 19.74 -30.68
N LEU A 348 -2.62 18.65 -30.96
CA LEU A 348 -3.17 17.31 -30.75
C LEU A 348 -2.13 16.34 -30.19
N ARG A 349 -2.47 15.74 -29.04
CA ARG A 349 -1.57 14.79 -28.38
C ARG A 349 -2.40 13.64 -27.83
N VAL A 350 -1.72 12.62 -27.32
CA VAL A 350 -2.38 11.42 -26.79
C VAL A 350 -1.80 11.12 -25.41
N ILE A 351 -2.65 10.68 -24.49
CA ILE A 351 -2.17 10.09 -23.23
C ILE A 351 -2.74 8.70 -23.03
N GLN A 352 -1.85 7.73 -22.78
CA GLN A 352 -2.30 6.36 -22.51
C GLN A 352 -2.22 6.17 -21.01
N GLY A 353 -3.38 6.04 -20.37
CA GLY A 353 -3.41 5.93 -18.91
C GLY A 353 -4.06 4.67 -18.38
N ASP A 354 -4.06 3.61 -19.19
CA ASP A 354 -4.59 2.32 -18.75
C ASP A 354 -3.54 1.23 -18.93
N GLY A 355 -3.40 0.38 -17.91
CA GLY A 355 -2.49 -0.74 -17.97
C GLY A 355 -1.02 -0.38 -18.05
N VAL A 356 -0.66 0.82 -17.60
CA VAL A 356 0.73 1.26 -17.65
C VAL A 356 1.53 0.87 -16.39
N ASP A 357 2.58 0.08 -16.59
CA ASP A 357 3.60 -0.12 -15.56
C ASP A 357 4.95 -0.09 -16.26
N ILE A 358 6.03 -0.34 -15.52
CA ILE A 358 7.35 -0.19 -16.12
C ILE A 358 7.52 -1.13 -17.32
N ASN A 359 6.95 -2.32 -17.22
CA ASN A 359 7.07 -3.29 -18.31
C ASN A 359 6.28 -2.89 -19.56
N THR A 360 5.01 -2.52 -19.38
CA THR A 360 4.20 -2.14 -20.53
C THR A 360 4.63 -0.80 -21.12
N LEU A 361 5.18 0.08 -20.29
CA LEU A 361 5.70 1.36 -20.77
C LEU A 361 6.78 1.10 -21.82
N GLN A 362 7.72 0.24 -21.47
CA GLN A 362 8.79 -0.16 -22.38
C GLN A 362 8.23 -0.74 -23.69
N GLU A 363 7.21 -1.59 -23.58
CA GLU A 363 6.61 -2.23 -24.75
C GLU A 363 5.97 -1.19 -25.66
N ILE A 364 5.32 -0.20 -25.05
CA ILE A 364 4.63 0.81 -25.83
C ILE A 364 5.60 1.72 -26.59
N VAL A 365 6.62 2.24 -25.90
CA VAL A 365 7.52 3.17 -26.59
C VAL A 365 8.34 2.46 -27.67
N GLU A 366 8.65 1.19 -27.44
CA GLU A 366 9.42 0.43 -28.44
C GLU A 366 8.53 0.13 -29.64
N GLY A 367 7.26 -0.14 -29.39
CA GLY A 367 6.32 -0.40 -30.48
C GLY A 367 6.11 0.85 -31.31
N MET A 368 6.02 2.00 -30.64
CA MET A 368 5.90 3.27 -31.32
C MET A 368 7.12 3.56 -32.18
N LYS A 369 8.30 3.30 -31.63
CA LYS A 369 9.51 3.53 -32.39
C LYS A 369 9.54 2.65 -33.64
N GLN A 370 9.11 1.39 -33.51
CA GLN A 370 9.15 0.49 -34.66
C GLN A 370 8.18 0.94 -35.75
N LYS A 371 7.10 1.62 -35.36
CA LYS A 371 6.14 2.15 -36.32
C LYS A 371 6.41 3.60 -36.72
N MET A 372 7.61 4.09 -36.36
CA MET A 372 8.08 5.42 -36.74
C MET A 372 7.27 6.59 -36.16
N TRP A 373 6.70 6.39 -34.98
CA TRP A 373 6.02 7.48 -34.29
C TRP A 373 6.90 8.08 -33.21
N SER A 374 7.06 9.40 -33.20
CA SER A 374 7.86 10.04 -32.16
C SER A 374 7.21 9.91 -30.78
N ILE A 375 8.03 9.78 -29.75
CA ILE A 375 7.53 9.77 -28.37
C ILE A 375 7.04 11.17 -27.98
N GLU A 376 7.36 12.18 -28.80
CA GLU A 376 6.80 13.52 -28.56
C GLU A 376 5.27 13.50 -28.57
N ASN A 377 4.70 12.54 -29.27
CA ASN A 377 3.24 12.44 -29.45
C ASN A 377 2.47 12.01 -28.20
N ILE A 378 3.15 11.36 -27.28
CA ILE A 378 2.46 10.61 -26.23
C ILE A 378 2.94 10.97 -24.83
N ALA A 379 2.04 10.85 -23.86
CA ALA A 379 2.38 10.87 -22.44
C ALA A 379 1.70 9.68 -21.84
N PHE A 380 2.08 9.32 -20.62
CA PHE A 380 1.48 8.17 -19.98
C PHE A 380 0.91 8.54 -18.64
N GLY A 381 -0.16 7.87 -18.25
CA GLY A 381 -0.70 8.01 -16.90
C GLY A 381 -0.58 6.62 -16.28
N SER A 382 -0.25 6.57 -15.00
CA SER A 382 -0.10 5.27 -14.35
C SER A 382 -0.62 5.42 -12.94
N GLY A 383 -1.39 4.41 -12.50
CA GLY A 383 -2.05 4.49 -11.20
C GLY A 383 -1.52 3.43 -10.28
N GLY A 384 -2.19 2.27 -10.26
CA GLY A 384 -1.76 1.15 -9.46
C GLY A 384 -0.33 0.73 -9.77
N GLY A 385 0.03 0.76 -11.05
CA GLY A 385 1.38 0.39 -11.45
C GLY A 385 2.46 1.29 -10.86
N LEU A 386 2.11 2.55 -10.64
CA LEU A 386 3.06 3.54 -10.17
C LEU A 386 3.18 3.55 -8.64
N LEU A 387 2.05 3.43 -7.95
CA LEU A 387 2.05 3.65 -6.51
C LEU A 387 1.66 2.44 -5.66
N GLN A 388 1.08 1.40 -6.24
CA GLN A 388 0.57 0.31 -5.41
C GLN A 388 1.21 -1.06 -5.68
N LYS A 389 1.51 -1.34 -6.95
CA LYS A 389 2.02 -2.65 -7.35
C LYS A 389 3.52 -2.74 -7.11
N LEU A 390 3.91 -2.61 -5.84
CA LEU A 390 5.30 -2.58 -5.41
C LEU A 390 5.35 -3.19 -4.03
N THR A 391 6.39 -3.96 -3.72
CA THR A 391 6.55 -4.53 -2.39
C THR A 391 7.97 -4.31 -1.92
N ARG A 392 8.19 -4.61 -0.65
CA ARG A 392 9.49 -4.46 0.00
C ARG A 392 10.50 -5.43 -0.59
N ASP A 393 10.01 -6.50 -1.21
CA ASP A 393 10.87 -7.50 -1.86
C ASP A 393 11.51 -7.03 -3.17
N LEU A 394 10.97 -5.96 -3.77
CA LEU A 394 11.47 -5.54 -5.07
C LEU A 394 12.93 -5.13 -4.99
N LEU A 395 13.24 -4.32 -3.98
CA LEU A 395 14.62 -3.89 -3.78
C LEU A 395 15.24 -4.51 -2.54
N ASN A 396 14.54 -5.46 -1.94
CA ASN A 396 15.01 -6.13 -0.72
C ASN A 396 15.43 -5.15 0.37
N CYS A 397 14.56 -4.18 0.63
CA CYS A 397 14.79 -3.18 1.66
C CYS A 397 14.71 -3.84 3.03
N SER A 398 15.77 -3.71 3.81
CA SER A 398 15.91 -4.54 5.01
C SER A 398 16.74 -3.85 6.08
N PHE A 399 16.44 -4.15 7.34
CA PHE A 399 17.06 -3.51 8.50
C PHE A 399 17.64 -4.63 9.33
N LYS A 400 18.93 -4.57 9.65
CA LYS A 400 19.59 -5.64 10.39
C LYS A 400 20.56 -5.11 11.41
N CYS A 401 20.70 -5.82 12.52
CA CYS A 401 21.69 -5.48 13.53
C CYS A 401 23.08 -5.95 13.08
N SER A 402 24.07 -5.05 13.14
CA SER A 402 25.41 -5.43 12.71
C SER A 402 26.48 -5.27 13.80
N TYR A 403 26.15 -4.62 14.90
CA TYR A 403 27.16 -4.39 15.94
C TYR A 403 26.48 -4.22 17.28
N VAL A 404 27.05 -4.87 18.30
CA VAL A 404 26.57 -4.69 19.67
C VAL A 404 27.76 -4.51 20.59
N VAL A 405 27.53 -3.88 21.73
CA VAL A 405 28.55 -3.83 22.77
C VAL A 405 28.00 -4.58 23.98
N THR A 406 28.68 -5.63 24.41
CA THR A 406 28.26 -6.42 25.56
C THR A 406 29.46 -6.56 26.50
N ASN A 407 29.24 -6.26 27.78
CA ASN A 407 30.34 -6.22 28.75
C ASN A 407 31.51 -5.34 28.32
N GLY A 408 31.19 -4.22 27.68
CA GLY A 408 32.19 -3.25 27.27
C GLY A 408 32.98 -3.63 26.02
N LEU A 409 32.67 -4.78 25.44
CA LEU A 409 33.37 -5.23 24.24
C LEU A 409 32.45 -5.17 23.01
N GLY A 410 32.93 -4.56 21.94
CA GLY A 410 32.17 -4.52 20.70
C GLY A 410 32.24 -5.85 20.00
N ILE A 411 31.12 -6.28 19.41
CA ILE A 411 31.05 -7.54 18.71
C ILE A 411 30.40 -7.28 17.35
N ASN A 412 31.00 -7.80 16.28
CA ASN A 412 30.42 -7.69 14.95
C ASN A 412 29.47 -8.83 14.72
N VAL A 413 28.20 -8.52 14.46
CA VAL A 413 27.19 -9.58 14.37
C VAL A 413 26.46 -9.53 13.03
N PHE A 414 25.79 -10.63 12.70
CA PHE A 414 25.22 -10.81 11.37
C PHE A 414 24.43 -12.09 11.32
N LYS A 415 23.58 -12.22 10.30
CA LYS A 415 22.98 -13.50 9.95
C LYS A 415 23.58 -13.99 8.63
N ASP A 416 23.50 -15.31 8.43
CA ASP A 416 24.04 -15.94 7.21
C ASP A 416 23.37 -17.29 7.04
N PRO A 417 22.09 -17.30 6.65
CA PRO A 417 21.34 -18.57 6.59
C PRO A 417 21.93 -19.52 5.57
N VAL A 418 22.06 -20.78 5.95
CA VAL A 418 22.72 -21.78 5.14
C VAL A 418 22.09 -21.94 3.75
N ALA A 419 20.77 -21.82 3.69
CA ALA A 419 20.07 -22.11 2.45
C ALA A 419 19.84 -20.88 1.57
N ASP A 420 20.25 -19.71 2.05
CA ASP A 420 20.08 -18.49 1.26
C ASP A 420 21.16 -17.44 1.51
N PRO A 421 22.28 -17.54 0.78
CA PRO A 421 23.39 -16.57 0.87
C PRO A 421 22.97 -15.14 0.54
N ASN A 422 21.87 -14.97 -0.20
CA ASN A 422 21.38 -13.64 -0.52
C ASN A 422 20.84 -12.91 0.70
N LYS A 423 20.61 -13.65 1.79
CA LYS A 423 20.11 -13.05 3.03
C LYS A 423 21.20 -12.80 4.07
N ARG A 424 22.46 -13.05 3.72
CA ARG A 424 23.57 -12.70 4.60
C ARG A 424 23.58 -11.18 4.83
N SER A 425 23.82 -10.77 6.07
CA SER A 425 23.86 -9.35 6.39
C SER A 425 25.29 -8.88 6.67
N LYS A 426 25.50 -7.56 6.69
CA LYS A 426 26.83 -6.97 6.89
C LYS A 426 27.30 -7.01 8.34
N LYS A 427 28.62 -6.96 8.56
CA LYS A 427 29.18 -7.10 9.91
C LYS A 427 29.79 -5.80 10.43
N GLY A 428 29.50 -5.46 11.68
CA GLY A 428 30.21 -4.38 12.34
C GLY A 428 29.72 -2.98 12.06
N ARG A 429 30.50 -1.99 12.48
CA ARG A 429 30.16 -0.60 12.24
C ARG A 429 30.39 -0.27 10.76
N LEU A 430 29.43 0.41 10.15
CA LEU A 430 29.45 0.62 8.71
C LEU A 430 29.68 2.09 8.35
N SER A 431 30.18 2.33 7.15
CA SER A 431 30.26 3.69 6.62
C SER A 431 30.21 3.61 5.10
N LEU A 432 29.79 4.68 4.46
CA LEU A 432 29.64 4.71 3.00
C LEU A 432 30.62 5.71 2.41
N HIS A 433 31.32 5.29 1.35
CA HIS A 433 32.40 6.11 0.79
C HIS A 433 32.40 6.13 -0.73
N ARG A 434 33.04 7.15 -1.29
CA ARG A 434 33.34 7.17 -2.71
C ARG A 434 34.59 6.33 -2.93
N THR A 435 34.58 5.55 -4.02
CA THR A 435 35.74 4.79 -4.42
C THR A 435 36.63 5.69 -5.27
N PRO A 436 37.87 5.24 -5.57
CA PRO A 436 38.74 6.11 -6.39
C PRO A 436 38.17 6.37 -7.78
N ALA A 437 37.37 5.44 -8.30
CA ALA A 437 36.74 5.63 -9.61
C ALA A 437 35.45 6.44 -9.51
N GLY A 438 35.08 6.82 -8.30
CA GLY A 438 33.90 7.66 -8.10
C GLY A 438 32.61 6.91 -7.88
N ASN A 439 32.71 5.60 -7.66
CA ASN A 439 31.53 4.79 -7.33
C ASN A 439 31.31 4.76 -5.82
N PHE A 440 30.46 3.84 -5.36
CA PHE A 440 30.20 3.76 -3.93
C PHE A 440 30.73 2.45 -3.34
N VAL A 441 31.15 2.50 -2.08
CA VAL A 441 31.53 1.29 -1.36
C VAL A 441 31.10 1.40 0.10
N THR A 442 30.57 0.30 0.64
CA THR A 442 30.25 0.23 2.06
C THR A 442 31.37 -0.48 2.78
N LEU A 443 31.97 0.18 3.77
CA LEU A 443 33.03 -0.45 4.56
C LEU A 443 32.46 -1.07 5.84
N GLU A 444 32.84 -2.31 6.11
CA GLU A 444 32.32 -3.04 7.25
C GLU A 444 33.36 -3.10 8.37
N GLU A 445 32.95 -3.59 9.53
CA GLU A 445 33.90 -3.89 10.62
C GLU A 445 34.66 -2.65 11.10
N GLY A 446 34.05 -1.49 10.93
CA GLY A 446 34.61 -0.24 11.42
C GLY A 446 35.82 0.22 10.62
N LYS A 447 36.04 -0.38 9.45
CA LYS A 447 37.19 -0.06 8.61
C LYS A 447 37.20 1.40 8.10
N GLY A 448 36.05 2.05 8.11
CA GLY A 448 36.01 3.47 7.78
C GLY A 448 36.92 4.30 8.68
N ASP A 449 37.13 3.83 9.91
CA ASP A 449 37.98 4.52 10.89
C ASP A 449 39.44 4.63 10.45
N LEU A 450 39.85 3.76 9.53
CA LEU A 450 41.22 3.74 9.02
C LEU A 450 41.54 4.91 8.08
N GLU A 451 40.49 5.63 7.66
CA GLU A 451 40.65 6.85 6.85
C GLU A 451 41.26 6.64 5.46
N GLU A 452 41.07 5.46 4.89
CA GLU A 452 41.69 5.16 3.60
C GLU A 452 40.77 5.51 2.44
N TYR A 453 39.54 5.88 2.76
CA TYR A 453 38.50 6.05 1.76
C TYR A 453 37.77 7.39 1.82
N GLY A 454 38.43 8.43 2.33
CA GLY A 454 37.80 9.74 2.38
C GLY A 454 36.62 9.75 3.33
N GLN A 455 35.81 10.80 3.27
CA GLN A 455 34.79 10.99 4.29
C GLN A 455 33.58 10.07 4.13
N ASP A 456 33.01 9.70 5.27
CA ASP A 456 31.75 8.96 5.34
C ASP A 456 30.66 9.80 4.69
N LEU A 457 29.90 9.20 3.79
CA LEU A 457 28.79 9.91 3.14
C LEU A 457 27.51 9.92 3.98
N LEU A 458 27.47 9.10 5.04
CA LEU A 458 26.35 9.16 5.98
C LEU A 458 26.48 10.41 6.86
N HIS A 459 25.38 11.15 7.02
CA HIS A 459 25.36 12.31 7.93
C HIS A 459 24.36 12.06 9.04
N THR A 460 24.65 12.55 10.24
CA THR A 460 23.66 12.53 11.32
C THR A 460 22.43 13.37 10.94
N VAL A 461 21.27 12.71 10.87
CA VAL A 461 20.02 13.38 10.53
C VAL A 461 19.07 13.45 11.73
N PHE A 462 19.32 12.61 12.74
CA PHE A 462 18.48 12.59 13.94
C PHE A 462 19.36 12.26 15.14
N LYS A 463 19.18 13.00 16.23
CA LYS A 463 19.91 12.69 17.44
C LYS A 463 19.16 13.17 18.66
N ASN A 464 18.87 12.25 19.56
CA ASN A 464 18.20 12.56 20.83
C ASN A 464 16.93 13.41 20.69
N GLY A 465 16.12 13.05 19.70
CA GLY A 465 14.81 13.64 19.55
C GLY A 465 14.75 14.84 18.62
N LYS A 466 15.89 15.22 18.06
CA LYS A 466 15.97 16.37 17.17
C LYS A 466 16.36 15.95 15.77
N VAL A 467 15.72 16.56 14.78
CA VAL A 467 16.16 16.39 13.39
C VAL A 467 17.34 17.34 13.16
N THR A 468 18.49 16.80 12.80
CA THR A 468 19.73 17.58 12.82
C THR A 468 20.20 18.03 11.45
N LYS A 469 19.60 17.46 10.41
CA LYS A 469 19.97 17.79 9.04
C LYS A 469 18.76 17.51 8.16
N SER A 470 18.39 18.49 7.33
CA SER A 470 17.20 18.40 6.49
C SER A 470 17.54 18.78 5.06
N TYR A 471 16.73 18.29 4.12
CA TYR A 471 16.91 18.57 2.70
C TYR A 471 15.65 19.15 2.12
N SER A 472 15.78 20.11 1.21
CA SER A 472 14.59 20.63 0.53
C SER A 472 14.23 19.69 -0.60
N PHE A 473 13.01 19.79 -1.11
CA PHE A 473 12.61 18.95 -2.23
C PHE A 473 13.41 19.30 -3.48
N ASP A 474 13.79 20.57 -3.60
CA ASP A 474 14.62 20.98 -4.74
C ASP A 474 15.97 20.28 -4.72
N GLU A 475 16.57 20.16 -3.53
CA GLU A 475 17.85 19.48 -3.39
C GLU A 475 17.73 18.01 -3.73
N ILE A 476 16.65 17.39 -3.27
CA ILE A 476 16.40 15.98 -3.54
C ILE A 476 16.26 15.74 -5.03
N ARG A 477 15.48 16.58 -5.71
CA ARG A 477 15.33 16.47 -7.16
C ARG A 477 16.66 16.59 -7.88
N LYS A 478 17.52 17.51 -7.42
CA LYS A 478 18.84 17.67 -8.03
C LYS A 478 19.68 16.41 -7.85
N ASN A 479 19.65 15.83 -6.65
CA ASN A 479 20.41 14.62 -6.39
C ASN A 479 19.93 13.46 -7.24
N ALA A 480 18.65 13.42 -7.54
CA ALA A 480 18.06 12.28 -8.23
C ALA A 480 18.05 12.38 -9.75
N GLN A 481 18.64 13.45 -10.29
CA GLN A 481 18.70 13.63 -11.75
C GLN A 481 19.28 12.43 -12.50
N LEU A 482 18.81 12.21 -13.73
CA LEU A 482 19.38 11.18 -14.59
C LEU A 482 20.72 11.66 -15.14
N ASN A 483 21.58 10.71 -15.51
CA ASN A 483 22.80 11.05 -16.24
C ASN A 483 22.49 11.78 -17.53
N ILE A 484 21.50 11.28 -18.27
CA ILE A 484 21.11 11.85 -19.56
C ILE A 484 20.81 13.33 -19.46
N GLU A 485 20.13 13.74 -18.38
CA GLU A 485 19.81 15.16 -18.23
C GLU A 485 20.98 15.95 -17.63
N LEU A 486 21.94 15.25 -17.05
CA LEU A 486 23.19 15.89 -16.62
C LEU A 486 24.07 16.19 -17.83
N GLU B 8 -4.51 18.77 9.68
CA GLU B 8 -5.92 18.65 9.37
C GLU B 8 -6.17 18.11 7.96
N PHE B 9 -6.78 16.94 7.88
CA PHE B 9 -7.25 16.41 6.61
C PHE B 9 -8.26 17.38 6.02
N ASN B 10 -8.21 17.55 4.70
CA ASN B 10 -9.07 18.48 3.98
C ASN B 10 -9.69 17.76 2.79
N ILE B 11 -10.98 17.46 2.88
CA ILE B 11 -11.67 16.71 1.82
C ILE B 11 -11.65 17.44 0.48
N LEU B 12 -11.46 18.75 0.52
CA LEU B 12 -11.37 19.51 -0.73
C LEU B 12 -10.04 19.26 -1.43
N LEU B 13 -9.08 18.66 -0.72
CA LEU B 13 -7.78 18.32 -1.30
C LEU B 13 -7.59 16.82 -1.34
N ALA B 14 -8.69 16.07 -1.22
CA ALA B 14 -8.61 14.61 -1.15
C ALA B 14 -9.31 13.96 -2.33
N THR B 15 -9.08 14.52 -3.53
CA THR B 15 -9.66 13.95 -4.72
C THR B 15 -8.60 13.99 -5.82
N ASP B 16 -8.83 13.25 -6.91
CA ASP B 16 -7.96 13.35 -8.07
C ASP B 16 -8.08 14.74 -8.64
N SER B 17 -6.96 15.34 -9.02
CA SER B 17 -6.95 16.71 -9.53
C SER B 17 -8.00 16.95 -10.59
N TYR B 18 -8.12 16.05 -11.57
CA TYR B 18 -9.04 16.31 -12.67
C TYR B 18 -10.48 16.49 -12.21
N LYS B 19 -10.85 15.89 -11.08
CA LYS B 19 -12.22 16.01 -10.57
C LYS B 19 -12.56 17.44 -10.17
N VAL B 20 -11.54 18.24 -9.88
CA VAL B 20 -11.74 19.65 -9.57
C VAL B 20 -12.41 20.37 -10.74
N THR B 21 -12.21 19.86 -11.95
CA THR B 21 -12.71 20.51 -13.16
C THR B 21 -14.02 19.92 -13.68
N HIS B 22 -14.53 18.88 -13.03
CA HIS B 22 -15.67 18.15 -13.58
C HIS B 22 -17.03 18.85 -13.48
N TYR B 23 -17.20 19.72 -12.49
CA TYR B 23 -18.46 20.43 -12.33
C TYR B 23 -18.84 21.23 -13.58
N LYS B 24 -17.83 21.58 -14.37
CA LYS B 24 -18.03 22.32 -15.62
C LYS B 24 -18.30 21.41 -16.82
N GLN B 25 -18.19 20.09 -16.65
CA GLN B 25 -18.24 19.18 -17.79
C GLN B 25 -19.55 18.41 -17.93
N TYR B 26 -20.27 18.25 -16.83
CA TYR B 26 -21.57 17.58 -16.85
C TYR B 26 -22.55 18.37 -17.71
N PRO B 27 -23.61 17.71 -18.22
CA PRO B 27 -24.61 18.43 -19.01
C PRO B 27 -25.20 19.57 -18.17
N PRO B 28 -25.43 20.74 -18.79
CA PRO B 28 -26.10 21.83 -18.07
C PRO B 28 -27.42 21.37 -17.46
N ASN B 29 -27.75 21.94 -16.30
CA ASN B 29 -29.00 21.61 -15.59
C ASN B 29 -29.07 20.17 -15.13
N THR B 30 -27.94 19.62 -14.72
CA THR B 30 -27.92 18.28 -14.12
C THR B 30 -28.12 18.44 -12.62
N SER B 31 -29.11 17.74 -12.09
CA SER B 31 -29.50 17.91 -10.70
C SER B 31 -29.14 16.68 -9.86
N LYS B 32 -28.83 15.58 -10.54
CA LYS B 32 -28.52 14.34 -9.83
C LYS B 32 -27.45 13.53 -10.55
N VAL B 33 -26.44 13.10 -9.80
CA VAL B 33 -25.48 12.11 -10.29
C VAL B 33 -25.51 10.96 -9.28
N TYR B 34 -25.77 9.76 -9.79
CA TYR B 34 -25.91 8.57 -8.97
C TYR B 34 -24.88 7.57 -9.45
N SER B 35 -24.07 7.07 -8.53
CA SER B 35 -22.97 6.18 -8.87
C SER B 35 -22.95 4.97 -7.97
N TYR B 36 -22.22 3.93 -8.38
CA TYR B 36 -22.17 2.71 -7.60
C TYR B 36 -20.77 2.08 -7.63
N PHE B 37 -20.51 1.21 -6.66
CA PHE B 37 -19.24 0.49 -6.54
C PHE B 37 -19.52 -1.00 -6.66
N GLU B 38 -18.69 -1.70 -7.44
CA GLU B 38 -18.75 -3.16 -7.51
C GLU B 38 -17.35 -3.73 -7.59
N CYS B 39 -17.21 -5.03 -7.32
CA CYS B 39 -15.98 -5.74 -7.65
C CYS B 39 -16.31 -6.47 -8.95
N ARG B 40 -15.99 -5.80 -10.05
CA ARG B 40 -16.49 -6.19 -11.38
C ARG B 40 -16.08 -7.61 -11.76
N GLU B 41 -17.00 -8.33 -12.39
CA GLU B 41 -16.74 -9.69 -12.81
C GLU B 41 -15.73 -9.68 -13.97
N LYS B 42 -14.73 -10.55 -13.91
CA LYS B 42 -13.78 -10.70 -15.01
C LYS B 42 -13.66 -12.16 -15.45
N LYS B 53 -10.79 -17.40 -9.46
CA LYS B 53 -9.93 -17.48 -8.28
C LYS B 53 -10.59 -16.81 -7.08
N TYR B 54 -11.19 -15.65 -7.32
CA TYR B 54 -11.83 -14.87 -6.27
C TYR B 54 -13.28 -14.60 -6.66
N GLU B 55 -14.13 -15.59 -6.48
CA GLU B 55 -15.50 -15.52 -6.97
C GLU B 55 -16.43 -14.71 -6.08
N GLU B 56 -16.04 -14.54 -4.81
CA GLU B 56 -16.86 -13.82 -3.86
C GLU B 56 -15.96 -12.91 -3.04
N THR B 57 -16.50 -11.77 -2.61
CA THR B 57 -15.71 -10.79 -1.87
C THR B 57 -16.31 -10.51 -0.49
N VAL B 58 -15.45 -10.18 0.47
CA VAL B 58 -15.89 -9.75 1.78
C VAL B 58 -16.01 -8.23 1.76
N PHE B 59 -17.21 -7.70 2.02
CA PHE B 59 -17.34 -6.25 2.04
C PHE B 59 -16.95 -5.70 3.40
N TYR B 60 -15.86 -4.94 3.45
CA TYR B 60 -15.34 -4.45 4.72
C TYR B 60 -14.56 -3.16 4.50
N GLY B 61 -14.77 -2.16 5.36
CA GLY B 61 -13.88 -1.02 5.39
C GLY B 61 -14.53 0.33 5.16
N LEU B 62 -15.77 0.32 4.65
CA LEU B 62 -16.43 1.58 4.33
C LEU B 62 -16.72 2.37 5.61
N GLN B 63 -17.09 1.68 6.68
CA GLN B 63 -17.44 2.33 7.94
C GLN B 63 -16.28 3.19 8.48
N TYR B 64 -15.06 2.69 8.32
CA TYR B 64 -13.86 3.46 8.65
C TYR B 64 -13.79 4.76 7.87
N ILE B 65 -13.97 4.65 6.55
CA ILE B 65 -13.90 5.81 5.68
C ILE B 65 -14.99 6.84 6.00
N LEU B 66 -16.22 6.37 6.20
CA LEU B 66 -17.34 7.25 6.51
C LEU B 66 -17.09 8.05 7.76
N ASN B 67 -16.66 7.35 8.82
CA ASN B 67 -16.40 8.00 10.10
C ASN B 67 -15.17 8.88 10.15
N LYS B 68 -14.07 8.43 9.56
CA LYS B 68 -12.84 9.20 9.67
C LYS B 68 -12.83 10.43 8.76
N TYR B 69 -13.48 10.33 7.60
CA TYR B 69 -13.27 11.33 6.56
C TYR B 69 -14.51 12.04 6.05
N LEU B 70 -15.69 11.42 6.15
CA LEU B 70 -16.86 11.96 5.46
C LEU B 70 -17.92 12.57 6.37
N LYS B 71 -17.96 12.16 7.63
CA LYS B 71 -19.06 12.59 8.50
C LYS B 71 -18.79 13.92 9.19
N GLY B 72 -19.87 14.61 9.53
CA GLY B 72 -19.78 15.84 10.29
C GLY B 72 -19.41 17.05 9.46
N LYS B 73 -18.90 18.08 10.12
CA LYS B 73 -18.51 19.30 9.42
C LYS B 73 -17.14 19.08 8.78
N VAL B 74 -17.14 18.82 7.48
CA VAL B 74 -15.89 18.52 6.78
C VAL B 74 -15.45 19.68 5.91
N VAL B 75 -16.28 20.72 5.83
CA VAL B 75 -15.95 21.91 5.07
C VAL B 75 -15.87 23.08 6.05
N THR B 76 -14.80 23.86 5.98
CA THR B 76 -14.73 25.12 6.73
C THR B 76 -14.25 26.24 5.80
N LYS B 77 -14.41 27.48 6.25
CA LYS B 77 -13.94 28.63 5.50
C LYS B 77 -12.44 28.49 5.20
N GLU B 78 -11.68 28.03 6.20
CA GLU B 78 -10.23 27.88 6.08
C GLU B 78 -9.87 26.80 5.07
N LYS B 79 -10.63 25.70 5.08
CA LYS B 79 -10.39 24.61 4.14
C LYS B 79 -10.69 25.02 2.70
N ILE B 80 -11.72 25.85 2.52
CA ILE B 80 -12.02 26.35 1.18
C ILE B 80 -10.89 27.23 0.67
N GLN B 81 -10.44 28.15 1.52
CA GLN B 81 -9.33 29.04 1.13
C GLN B 81 -8.05 28.26 0.81
N GLU B 82 -7.74 27.26 1.63
CA GLU B 82 -6.57 26.42 1.42
C GLU B 82 -6.64 25.75 0.05
N ALA B 83 -7.78 25.15 -0.26
CA ALA B 83 -7.96 24.46 -1.54
C ALA B 83 -7.85 25.45 -2.69
N LYS B 84 -8.51 26.59 -2.54
CA LYS B 84 -8.46 27.64 -3.55
C LYS B 84 -7.01 28.01 -3.87
N ASP B 85 -6.20 28.19 -2.84
CA ASP B 85 -4.81 28.62 -3.04
C ASP B 85 -3.96 27.53 -3.69
N VAL B 86 -4.17 26.29 -3.28
CA VAL B 86 -3.43 25.17 -3.87
C VAL B 86 -3.79 24.95 -5.34
N TYR B 87 -5.07 24.87 -5.64
CA TYR B 87 -5.49 24.61 -7.01
C TYR B 87 -5.13 25.75 -7.96
N LYS B 88 -5.12 26.98 -7.45
CA LYS B 88 -4.67 28.13 -8.25
C LYS B 88 -3.26 27.87 -8.80
N GLU B 89 -2.37 27.36 -7.95
CA GLU B 89 -1.00 27.11 -8.40
C GLU B 89 -0.90 25.82 -9.20
N HIS B 90 -1.63 24.80 -8.77
CA HIS B 90 -1.57 23.47 -9.36
C HIS B 90 -2.08 23.46 -10.79
N PHE B 91 -3.14 24.24 -11.06
CA PHE B 91 -3.69 24.34 -12.41
C PHE B 91 -3.23 25.59 -13.13
N GLN B 92 -2.53 26.47 -12.40
CA GLN B 92 -2.09 27.77 -12.93
C GLN B 92 -3.26 28.57 -13.46
N ASP B 93 -4.38 28.47 -12.75
CA ASP B 93 -5.63 29.06 -13.18
C ASP B 93 -6.64 28.89 -12.07
N ASP B 94 -7.68 29.73 -12.06
CA ASP B 94 -8.78 29.58 -11.12
C ASP B 94 -9.84 28.71 -11.78
N VAL B 95 -9.85 27.42 -11.43
CA VAL B 95 -10.83 26.49 -11.97
C VAL B 95 -11.64 25.86 -10.84
N PHE B 96 -11.13 26.02 -9.62
CA PHE B 96 -11.74 25.43 -8.43
C PHE B 96 -13.13 26.00 -8.12
N ASN B 97 -14.09 25.11 -7.83
CA ASN B 97 -15.49 25.48 -7.56
C ASN B 97 -15.68 26.06 -6.17
N GLU B 98 -15.15 27.26 -5.95
CA GLU B 98 -15.29 27.92 -4.65
C GLU B 98 -16.75 28.13 -4.27
N LYS B 99 -17.57 28.57 -5.22
CA LYS B 99 -18.99 28.80 -4.98
C LYS B 99 -19.71 27.53 -4.51
N GLY B 100 -19.41 26.40 -5.15
CA GLY B 100 -20.07 25.15 -4.84
C GLY B 100 -19.75 24.68 -3.43
N TRP B 101 -18.50 24.78 -3.04
CA TRP B 101 -18.11 24.37 -1.70
C TRP B 101 -18.65 25.36 -0.66
N ASN B 102 -18.67 26.64 -0.99
CA ASN B 102 -19.26 27.62 -0.08
C ASN B 102 -20.75 27.39 0.18
N TYR B 103 -21.46 26.92 -0.85
CA TYR B 103 -22.87 26.59 -0.72
C TYR B 103 -23.06 25.50 0.35
N ILE B 104 -22.21 24.47 0.31
CA ILE B 104 -22.29 23.38 1.29
C ILE B 104 -22.01 23.91 2.69
N LEU B 105 -21.02 24.78 2.80
CA LEU B 105 -20.66 25.38 4.08
C LEU B 105 -21.83 26.18 4.65
N GLU B 106 -22.39 27.06 3.82
CA GLU B 106 -23.43 27.98 4.29
C GLU B 106 -24.78 27.30 4.53
N LYS B 107 -25.13 26.38 3.65
CA LYS B 107 -26.44 25.73 3.68
C LYS B 107 -26.53 24.55 4.67
N TYR B 108 -25.46 23.76 4.75
CA TYR B 108 -25.51 22.54 5.53
C TYR B 108 -24.48 22.49 6.66
N ASP B 109 -24.01 23.67 7.07
CA ASP B 109 -22.95 23.78 8.07
C ASP B 109 -21.79 22.84 7.74
N GLY B 110 -21.49 22.72 6.46
CA GLY B 110 -20.33 21.96 6.03
C GLY B 110 -20.52 20.45 6.05
N HIS B 111 -21.75 19.99 6.21
CA HIS B 111 -22.05 18.56 6.13
C HIS B 111 -22.35 18.18 4.69
N LEU B 112 -21.87 17.02 4.26
CA LEU B 112 -22.04 16.61 2.87
C LEU B 112 -23.46 16.14 2.54
N PRO B 113 -24.12 16.82 1.58
CA PRO B 113 -25.47 16.40 1.14
C PRO B 113 -25.39 15.21 0.17
N ILE B 114 -25.12 14.05 0.76
CA ILE B 114 -24.88 12.81 0.03
C ILE B 114 -25.62 11.71 0.76
N GLU B 115 -26.17 10.75 0.01
CA GLU B 115 -26.72 9.54 0.60
C GLU B 115 -25.99 8.32 0.05
N ILE B 116 -25.55 7.44 0.95
CA ILE B 116 -24.83 6.23 0.56
C ILE B 116 -25.59 5.04 1.10
N LYS B 117 -25.86 4.05 0.23
CA LYS B 117 -26.48 2.82 0.65
C LYS B 117 -25.47 1.71 0.45
N ALA B 118 -25.39 0.76 1.39
CA ALA B 118 -24.36 -0.28 1.29
C ALA B 118 -24.81 -1.65 1.79
N VAL B 119 -24.15 -2.70 1.31
CA VAL B 119 -24.36 -4.03 1.88
C VAL B 119 -23.71 -4.07 3.26
N PRO B 120 -24.26 -4.89 4.16
CA PRO B 120 -23.70 -4.94 5.52
C PRO B 120 -22.22 -5.35 5.52
N GLU B 121 -21.45 -4.76 6.42
CA GLU B 121 -20.03 -5.09 6.52
C GLU B 121 -19.86 -6.53 6.98
N GLY B 122 -18.90 -7.21 6.36
CA GLY B 122 -18.66 -8.61 6.64
C GLY B 122 -19.38 -9.51 5.66
N PHE B 123 -20.33 -8.95 4.91
CA PHE B 123 -21.10 -9.76 3.97
C PHE B 123 -20.20 -10.32 2.87
N VAL B 124 -20.46 -11.57 2.51
CA VAL B 124 -19.73 -12.26 1.46
C VAL B 124 -20.61 -12.29 0.21
N ILE B 125 -20.18 -11.61 -0.84
CA ILE B 125 -21.03 -11.37 -2.02
C ILE B 125 -20.26 -11.75 -3.27
N PRO B 126 -20.92 -12.46 -4.20
CA PRO B 126 -20.29 -12.81 -5.49
C PRO B 126 -19.90 -11.57 -6.29
N ARG B 127 -18.84 -11.70 -7.07
CA ARG B 127 -18.39 -10.63 -7.95
C ARG B 127 -19.52 -10.11 -8.84
N GLY B 128 -19.46 -8.82 -9.16
CA GLY B 128 -20.36 -8.22 -10.12
C GLY B 128 -21.67 -7.76 -9.52
N ASN B 129 -21.73 -7.67 -8.20
CA ASN B 129 -22.91 -7.14 -7.53
C ASN B 129 -22.68 -5.72 -7.02
N VAL B 130 -23.75 -4.94 -6.97
CA VAL B 130 -23.65 -3.62 -6.35
C VAL B 130 -23.31 -3.75 -4.86
N LEU B 131 -22.26 -3.07 -4.42
CA LEU B 131 -21.85 -3.15 -3.01
C LEU B 131 -22.26 -1.88 -2.26
N PHE B 132 -22.12 -0.75 -2.92
CA PHE B 132 -22.69 0.49 -2.39
C PHE B 132 -23.04 1.47 -3.50
N THR B 133 -23.94 2.40 -3.19
CA THR B 133 -24.34 3.44 -4.13
C THR B 133 -24.22 4.80 -3.47
N VAL B 134 -24.03 5.82 -4.29
CA VAL B 134 -23.82 7.19 -3.81
C VAL B 134 -24.64 8.15 -4.67
N GLU B 135 -25.36 9.07 -4.05
CA GLU B 135 -26.01 10.13 -4.82
C GLU B 135 -26.10 11.40 -4.01
N ASN B 136 -26.20 12.54 -4.70
CA ASN B 136 -26.37 13.80 -4.01
C ASN B 136 -27.81 13.99 -3.57
N THR B 137 -28.02 14.70 -2.47
CA THR B 137 -29.36 14.92 -1.95
C THR B 137 -29.84 16.35 -2.19
N ASP B 138 -28.96 17.17 -2.74
CA ASP B 138 -29.28 18.55 -3.12
C ASP B 138 -28.88 18.73 -4.57
N PRO B 139 -29.80 19.21 -5.44
CA PRO B 139 -29.53 19.40 -6.86
C PRO B 139 -28.31 20.29 -7.15
N GLU B 140 -28.02 21.24 -6.27
CA GLU B 140 -26.86 22.10 -6.42
C GLU B 140 -25.54 21.33 -6.33
N CYS B 141 -25.59 20.16 -5.70
CA CYS B 141 -24.38 19.40 -5.43
C CYS B 141 -24.27 18.15 -6.30
N TYR B 142 -24.76 18.23 -7.53
CA TYR B 142 -24.64 17.14 -8.52
C TYR B 142 -23.19 16.68 -8.70
N TRP B 143 -22.26 17.63 -8.52
CA TRP B 143 -20.83 17.39 -8.76
C TRP B 143 -20.17 16.65 -7.59
N LEU B 144 -20.87 16.57 -6.47
CA LEU B 144 -20.27 16.05 -5.23
C LEU B 144 -20.17 14.52 -5.23
N THR B 145 -21.13 13.87 -5.87
CA THR B 145 -21.14 12.40 -5.94
C THR B 145 -19.80 11.84 -6.41
N ASN B 146 -19.32 12.35 -7.54
CA ASN B 146 -18.05 11.85 -8.03
C ASN B 146 -16.80 12.52 -7.47
N TRP B 147 -16.95 13.66 -6.80
CA TRP B 147 -15.81 14.25 -6.08
C TRP B 147 -15.22 13.23 -5.09
N ILE B 148 -16.11 12.52 -4.39
CA ILE B 148 -15.68 11.59 -3.36
C ILE B 148 -15.44 10.17 -3.87
N GLU B 149 -15.45 9.98 -5.19
CA GLU B 149 -15.09 8.69 -5.76
C GLU B 149 -13.73 8.24 -5.24
N THR B 150 -12.75 9.12 -5.29
CA THR B 150 -11.37 8.75 -4.98
C THR B 150 -11.24 8.17 -3.57
N ILE B 151 -11.80 8.88 -2.61
CA ILE B 151 -11.72 8.43 -1.22
C ILE B 151 -12.52 7.15 -0.98
N LEU B 152 -13.70 7.02 -1.59
CA LEU B 152 -14.50 5.82 -1.38
C LEU B 152 -13.92 4.59 -2.08
N VAL B 153 -13.26 4.80 -3.22
CA VAL B 153 -12.70 3.69 -3.99
C VAL B 153 -11.54 3.05 -3.22
N GLN B 154 -10.95 3.80 -2.30
CA GLN B 154 -9.91 3.22 -1.45
C GLN B 154 -10.44 2.07 -0.56
N SER B 155 -11.76 1.90 -0.52
CA SER B 155 -12.35 0.74 0.14
C SER B 155 -11.88 -0.56 -0.52
N TRP B 156 -11.34 -0.47 -1.74
CA TRP B 156 -10.82 -1.66 -2.43
C TRP B 156 -9.83 -2.38 -1.52
N TYR B 157 -9.07 -1.64 -0.74
CA TYR B 157 -7.97 -2.23 -0.01
C TYR B 157 -8.43 -3.12 1.15
N PRO B 158 -9.25 -2.58 2.07
CA PRO B 158 -9.73 -3.49 3.12
C PRO B 158 -10.60 -4.64 2.56
N ILE B 159 -11.37 -4.37 1.51
CA ILE B 159 -12.12 -5.44 0.85
C ILE B 159 -11.19 -6.54 0.35
N THR B 160 -10.12 -6.13 -0.32
CA THR B 160 -9.22 -7.09 -0.92
C THR B 160 -8.38 -7.84 0.11
N VAL B 161 -7.92 -7.15 1.15
CA VAL B 161 -7.20 -7.84 2.21
C VAL B 161 -8.11 -8.86 2.90
N ALA B 162 -9.31 -8.44 3.29
CA ALA B 162 -10.25 -9.34 3.95
C ALA B 162 -10.57 -10.55 3.08
N THR B 163 -10.78 -10.30 1.78
CA THR B 163 -11.14 -11.37 0.86
C THR B 163 -9.99 -12.36 0.68
N ASN B 164 -8.79 -11.84 0.44
CA ASN B 164 -7.63 -12.70 0.25
C ASN B 164 -7.27 -13.47 1.52
N SER B 165 -7.43 -12.82 2.67
CA SER B 165 -7.22 -13.48 3.95
C SER B 165 -8.23 -14.62 4.14
N ARG B 166 -9.49 -14.39 3.77
CA ARG B 166 -10.52 -15.39 3.93
C ARG B 166 -10.27 -16.56 2.96
N GLU B 167 -9.76 -16.26 1.76
CA GLU B 167 -9.46 -17.35 0.82
C GLU B 167 -8.35 -18.25 1.37
N GLN B 168 -7.41 -17.67 2.11
CA GLN B 168 -6.38 -18.49 2.72
C GLN B 168 -6.95 -19.31 3.86
N LYS B 169 -7.89 -18.73 4.59
CA LYS B 169 -8.56 -19.47 5.65
C LYS B 169 -9.29 -20.70 5.10
N LYS B 170 -9.86 -20.58 3.90
CA LYS B 170 -10.56 -21.71 3.28
C LYS B 170 -9.60 -22.84 2.99
N ILE B 171 -8.41 -22.49 2.50
CA ILE B 171 -7.38 -23.48 2.21
C ILE B 171 -6.94 -24.14 3.52
N LEU B 172 -6.67 -23.34 4.54
CA LEU B 172 -6.24 -23.90 5.81
C LEU B 172 -7.31 -24.79 6.43
N ALA B 173 -8.58 -24.38 6.31
CA ALA B 173 -9.67 -25.15 6.89
C ALA B 173 -9.78 -26.52 6.22
N LYS B 174 -9.71 -26.55 4.89
CA LYS B 174 -9.81 -27.80 4.15
C LYS B 174 -8.75 -28.80 4.60
N TYR B 175 -7.50 -28.35 4.68
CA TYR B 175 -6.40 -29.24 5.04
C TYR B 175 -6.34 -29.57 6.53
N LEU B 176 -6.69 -28.61 7.38
CA LEU B 176 -6.75 -28.92 8.81
C LEU B 176 -7.85 -29.94 9.10
N LEU B 177 -9.00 -29.77 8.46
CA LEU B 177 -10.11 -30.71 8.66
C LEU B 177 -9.70 -32.09 8.16
N GLU B 178 -9.08 -32.14 6.99
CA GLU B 178 -8.67 -33.42 6.41
C GLU B 178 -7.64 -34.16 7.25
N THR B 179 -6.65 -33.43 7.78
CA THR B 179 -5.56 -34.10 8.47
C THR B 179 -5.77 -34.27 9.97
N SER B 180 -6.75 -33.60 10.54
CA SER B 180 -6.97 -33.66 12.00
C SER B 180 -8.40 -34.03 12.40
N GLY B 181 -9.35 -33.84 11.49
CA GLY B 181 -10.75 -34.16 11.77
C GLY B 181 -11.54 -33.05 12.43
N ASN B 182 -10.91 -31.90 12.63
CA ASN B 182 -11.62 -30.76 13.22
C ASN B 182 -10.95 -29.46 12.79
N LEU B 183 -11.45 -28.35 13.31
CA LEU B 183 -10.90 -27.04 12.95
C LEU B 183 -10.30 -26.31 14.14
N ASP B 184 -9.95 -27.05 15.18
CA ASP B 184 -9.35 -26.41 16.35
C ASP B 184 -8.09 -25.65 15.96
N GLY B 185 -8.01 -24.39 16.39
CA GLY B 185 -6.82 -23.58 16.16
C GLY B 185 -6.81 -22.85 14.82
N LEU B 186 -7.84 -23.05 14.00
CA LEU B 186 -7.87 -22.46 12.66
C LEU B 186 -7.66 -20.96 12.69
N GLU B 187 -8.26 -20.29 13.68
CA GLU B 187 -8.23 -18.83 13.72
C GLU B 187 -6.87 -18.27 14.13
N TYR B 188 -5.92 -19.15 14.44
CA TYR B 188 -4.54 -18.72 14.71
C TYR B 188 -3.55 -19.28 13.72
N LYS B 189 -4.03 -19.70 12.54
CA LYS B 189 -3.17 -20.39 11.58
C LYS B 189 -2.44 -19.47 10.60
N LEU B 190 -2.87 -18.21 10.54
CA LEU B 190 -2.25 -17.24 9.64
C LEU B 190 -1.98 -15.94 10.39
N HIS B 191 -0.73 -15.73 10.78
CA HIS B 191 -0.39 -14.61 11.64
C HIS B 191 0.09 -13.42 10.80
N ASP B 192 -0.41 -12.22 11.09
CA ASP B 192 -0.03 -11.00 10.37
C ASP B 192 1.38 -10.55 10.79
N PHE B 193 2.32 -10.59 9.85
CA PHE B 193 3.69 -10.14 10.06
C PHE B 193 3.98 -8.88 9.22
N GLY B 194 2.94 -8.23 8.71
CA GLY B 194 3.13 -7.24 7.65
C GLY B 194 3.35 -5.78 7.98
N TYR B 195 3.52 -5.45 9.26
CA TYR B 195 3.60 -4.04 9.65
C TYR B 195 4.73 -3.30 8.90
N ARG B 196 5.92 -3.89 8.84
CA ARG B 196 7.05 -3.22 8.21
C ARG B 196 6.96 -3.21 6.69
N GLY B 197 6.15 -4.10 6.14
CA GLY B 197 6.13 -4.29 4.69
C GLY B 197 4.97 -3.61 3.98
N VAL B 198 4.20 -2.81 4.70
CA VAL B 198 3.18 -2.01 4.02
C VAL B 198 3.72 -0.61 3.80
N SER B 199 2.94 0.20 3.10
CA SER B 199 3.39 1.47 2.58
C SER B 199 3.24 2.65 3.54
N SER B 200 2.50 2.47 4.63
CA SER B 200 2.32 3.57 5.58
C SER B 200 1.72 3.05 6.88
N GLN B 201 1.77 3.89 7.91
CA GLN B 201 1.14 3.56 9.17
C GLN B 201 -0.37 3.41 9.00
N GLU B 202 -0.98 4.30 8.23
CA GLU B 202 -2.43 4.20 8.05
C GLU B 202 -2.82 2.89 7.38
N THR B 203 -2.09 2.54 6.31
CA THR B 203 -2.32 1.27 5.64
C THR B 203 -2.16 0.09 6.58
N ALA B 204 -1.17 0.16 7.46
CA ALA B 204 -0.96 -0.93 8.42
C ALA B 204 -2.21 -1.19 9.25
N GLY B 205 -2.81 -0.13 9.79
CA GLY B 205 -4.00 -0.28 10.62
C GLY B 205 -5.17 -0.82 9.83
N ILE B 206 -5.39 -0.29 8.63
CA ILE B 206 -6.52 -0.71 7.80
C ILE B 206 -6.34 -2.19 7.41
N GLY B 207 -5.17 -2.52 6.92
CA GLY B 207 -4.91 -3.87 6.42
C GLY B 207 -4.97 -4.89 7.54
N ALA B 208 -4.35 -4.57 8.67
CA ALA B 208 -4.34 -5.48 9.80
C ALA B 208 -5.77 -5.74 10.28
N SER B 209 -6.59 -4.69 10.29
CA SER B 209 -7.98 -4.86 10.74
C SER B 209 -8.76 -5.78 9.80
N ALA B 210 -8.47 -5.70 8.52
CA ALA B 210 -9.14 -6.53 7.53
C ALA B 210 -8.76 -8.01 7.68
N HIS B 211 -7.50 -8.28 7.98
CA HIS B 211 -7.07 -9.64 8.24
C HIS B 211 -7.78 -10.19 9.49
N LEU B 212 -8.00 -9.34 10.49
CA LEU B 212 -8.63 -9.77 11.73
C LEU B 212 -10.12 -10.08 11.58
N VAL B 213 -10.67 -9.78 10.41
CA VAL B 213 -12.02 -10.24 10.09
C VAL B 213 -12.05 -11.77 10.11
N ASN B 214 -10.93 -12.38 9.73
CA ASN B 214 -10.87 -13.83 9.55
C ASN B 214 -10.05 -14.58 10.59
N PHE B 215 -9.03 -13.92 11.13
CA PHE B 215 -8.11 -14.55 12.07
C PHE B 215 -7.95 -13.71 13.32
N LYS B 216 -7.27 -14.26 14.33
CA LYS B 216 -7.07 -13.55 15.60
C LYS B 216 -5.60 -13.35 15.96
N GLY B 217 -4.69 -13.86 15.14
CA GLY B 217 -3.26 -13.71 15.42
C GLY B 217 -2.64 -12.57 14.62
N THR B 218 -2.07 -11.59 15.32
CA THR B 218 -1.46 -10.45 14.63
C THR B 218 -0.32 -9.82 15.40
N ASP B 219 0.70 -9.37 14.66
CA ASP B 219 1.74 -8.53 15.25
C ASP B 219 1.63 -7.08 14.78
N THR B 220 0.65 -6.79 13.93
CA THR B 220 0.49 -5.44 13.43
C THR B 220 -0.43 -4.66 14.38
N VAL B 221 0.19 -4.10 15.41
CA VAL B 221 -0.51 -3.51 16.56
C VAL B 221 -1.50 -2.41 16.14
N ALA B 222 -1.18 -1.71 15.05
CA ALA B 222 -2.02 -0.64 14.53
C ALA B 222 -3.48 -1.06 14.28
N GLY B 223 -3.71 -2.33 13.97
CA GLY B 223 -5.06 -2.81 13.69
C GLY B 223 -5.96 -2.79 14.92
N LEU B 224 -5.37 -2.97 16.10
CA LEU B 224 -6.16 -3.02 17.33
C LEU B 224 -6.87 -1.70 17.59
N ALA B 225 -6.14 -0.59 17.49
CA ALA B 225 -6.71 0.71 17.83
C ALA B 225 -7.76 1.13 16.81
N LEU B 226 -7.56 0.73 15.55
CA LEU B 226 -8.54 1.05 14.52
C LEU B 226 -9.86 0.34 14.82
N ILE B 227 -9.78 -0.95 15.10
CA ILE B 227 -11.00 -1.72 15.39
C ILE B 227 -11.71 -1.15 16.62
N LYS B 228 -10.94 -0.82 17.65
CA LYS B 228 -11.53 -0.31 18.88
C LYS B 228 -12.27 1.00 18.63
N LYS B 229 -11.66 1.86 17.82
CA LYS B 229 -12.22 3.20 17.57
C LYS B 229 -13.41 3.19 16.62
N TYR B 230 -13.34 2.39 15.56
CA TYR B 230 -14.35 2.46 14.50
C TYR B 230 -15.39 1.34 14.46
N TYR B 231 -15.12 0.22 15.11
CA TYR B 231 -15.98 -0.94 14.99
C TYR B 231 -16.42 -1.51 16.35
N GLY B 232 -15.44 -1.81 17.20
CA GLY B 232 -15.71 -2.32 18.54
C GLY B 232 -15.88 -3.83 18.64
N THR B 233 -15.40 -4.38 19.76
CA THR B 233 -15.60 -5.79 20.03
C THR B 233 -15.97 -5.99 21.49
N LYS B 234 -16.67 -7.07 21.79
CA LYS B 234 -16.98 -7.40 23.17
C LYS B 234 -15.70 -7.69 23.97
N ASP B 235 -14.80 -8.46 23.38
CA ASP B 235 -13.50 -8.73 23.97
C ASP B 235 -12.65 -7.45 24.10
N PRO B 236 -11.76 -7.40 25.09
CA PRO B 236 -10.90 -6.21 25.19
C PRO B 236 -10.07 -5.93 23.93
N VAL B 237 -9.54 -6.96 23.28
CA VAL B 237 -8.82 -6.79 22.01
C VAL B 237 -9.22 -7.82 20.95
N PRO B 238 -9.12 -7.43 19.67
CA PRO B 238 -9.54 -8.36 18.61
C PRO B 238 -8.46 -9.36 18.19
N GLY B 239 -7.21 -9.09 18.56
CA GLY B 239 -6.11 -9.93 18.11
C GLY B 239 -5.04 -10.11 19.16
N TYR B 240 -4.28 -11.20 19.03
CA TYR B 240 -3.35 -11.63 20.06
C TYR B 240 -2.00 -12.01 19.50
N SER B 241 -1.00 -12.02 20.36
CA SER B 241 0.32 -12.53 19.99
C SER B 241 1.03 -13.17 21.18
N VAL B 242 2.27 -13.59 20.96
CA VAL B 242 3.04 -14.25 22.02
C VAL B 242 4.49 -13.76 21.89
N PRO B 243 5.29 -13.97 22.94
CA PRO B 243 6.72 -13.61 22.85
C PRO B 243 7.41 -14.35 21.71
N ALA B 244 8.31 -13.67 21.01
CA ALA B 244 8.96 -14.27 19.84
C ALA B 244 10.24 -13.55 19.56
N ALA B 245 11.24 -14.30 19.09
CA ALA B 245 12.56 -13.76 18.79
C ALA B 245 12.64 -13.25 17.35
N GLU B 246 13.56 -12.32 17.12
CA GLU B 246 13.91 -11.91 15.76
C GLU B 246 15.38 -12.25 15.59
N HIS B 247 15.91 -12.07 14.39
CA HIS B 247 17.31 -12.43 14.19
C HIS B 247 18.25 -11.64 15.10
N SER B 248 17.97 -10.37 15.34
CA SER B 248 18.88 -9.58 16.18
C SER B 248 19.01 -10.12 17.62
N THR B 249 17.94 -10.67 18.17
CA THR B 249 18.04 -11.20 19.54
C THR B 249 18.75 -12.55 19.63
N ILE B 250 18.97 -13.18 18.47
CA ILE B 250 19.82 -14.36 18.42
C ILE B 250 21.25 -13.96 18.05
N THR B 251 21.40 -13.19 16.98
CA THR B 251 22.73 -12.91 16.46
C THR B 251 23.56 -12.02 17.38
N ALA B 252 22.88 -11.21 18.19
CA ALA B 252 23.58 -10.32 19.13
C ALA B 252 24.48 -11.08 20.09
N TRP B 253 24.18 -12.36 20.31
CA TRP B 253 24.93 -13.19 21.24
C TRP B 253 26.27 -13.61 20.64
N GLY B 254 26.40 -13.44 19.33
CA GLY B 254 27.61 -13.86 18.65
C GLY B 254 27.40 -15.22 18.00
N LYS B 255 28.09 -15.43 16.88
CA LYS B 255 27.91 -16.63 16.07
C LYS B 255 28.13 -17.96 16.82
N ASP B 256 29.06 -17.95 17.78
CA ASP B 256 29.38 -19.17 18.52
C ASP B 256 28.46 -19.42 19.70
N HIS B 257 27.48 -18.54 19.90
CA HIS B 257 26.62 -18.60 21.08
C HIS B 257 25.13 -18.65 20.77
N GLU B 258 24.79 -19.23 19.62
CA GLU B 258 23.39 -19.41 19.27
C GLU B 258 22.66 -20.27 20.31
N LYS B 259 23.32 -21.29 20.82
CA LYS B 259 22.72 -22.14 21.84
C LYS B 259 22.44 -21.32 23.11
N ASP B 260 23.37 -20.44 23.47
CA ASP B 260 23.16 -19.63 24.68
C ASP B 260 21.96 -18.73 24.52
N ALA B 261 21.81 -18.15 23.32
CA ALA B 261 20.67 -17.31 23.01
C ALA B 261 19.37 -18.09 23.17
N PHE B 262 19.30 -19.26 22.52
CA PHE B 262 18.12 -20.12 22.57
C PHE B 262 17.75 -20.44 24.02
N GLU B 263 18.75 -20.84 24.81
CA GLU B 263 18.51 -21.24 26.20
C GLU B 263 17.96 -20.08 27.02
N HIS B 264 18.57 -18.91 26.85
CA HIS B 264 18.13 -17.71 27.55
C HIS B 264 16.67 -17.39 27.22
N ILE B 265 16.36 -17.38 25.93
CA ILE B 265 15.02 -16.99 25.51
C ILE B 265 13.92 -17.94 26.00
N VAL B 266 14.12 -19.24 25.85
CA VAL B 266 13.10 -20.19 26.30
C VAL B 266 13.00 -20.24 27.82
N THR B 267 14.08 -19.90 28.52
CA THR B 267 14.04 -19.85 29.99
C THR B 267 13.33 -18.57 30.47
N GLN B 268 13.54 -17.47 29.75
CA GLN B 268 12.84 -16.23 30.05
C GLN B 268 11.34 -16.37 29.85
N PHE B 269 10.95 -17.17 28.85
CA PHE B 269 9.55 -17.36 28.53
C PHE B 269 9.21 -18.84 28.68
N SER B 270 9.39 -19.34 29.91
CA SER B 270 9.28 -20.77 30.18
C SER B 270 7.84 -21.27 30.34
N SER B 271 6.91 -20.36 30.63
CA SER B 271 5.54 -20.78 30.91
C SER B 271 4.49 -20.17 29.98
N VAL B 272 4.94 -19.58 28.88
CA VAL B 272 4.04 -19.07 27.85
C VAL B 272 4.57 -19.58 26.51
N PRO B 273 3.74 -19.56 25.45
CA PRO B 273 4.29 -19.99 24.16
C PRO B 273 5.39 -19.05 23.72
N VAL B 274 6.40 -19.56 23.01
CA VAL B 274 7.45 -18.67 22.55
C VAL B 274 7.92 -19.16 21.21
N SER B 275 8.06 -18.21 20.28
CA SER B 275 8.57 -18.53 18.94
C SER B 275 10.03 -18.11 18.85
N VAL B 276 10.88 -19.00 18.35
CA VAL B 276 12.29 -18.66 18.24
C VAL B 276 12.76 -18.87 16.82
N VAL B 277 13.18 -17.79 16.18
CA VAL B 277 13.72 -17.87 14.83
C VAL B 277 15.03 -18.67 14.86
N SER B 278 15.11 -19.69 14.02
CA SER B 278 16.14 -20.72 14.19
C SER B 278 17.06 -20.88 12.98
N ASP B 279 16.99 -19.94 12.03
CA ASP B 279 17.75 -20.08 10.80
C ASP B 279 18.87 -19.04 10.62
N SER B 280 19.27 -18.37 11.70
CA SER B 280 20.32 -17.35 11.61
C SER B 280 21.58 -17.84 10.88
N TYR B 281 21.95 -19.09 11.13
CA TYR B 281 23.17 -19.64 10.54
C TYR B 281 22.92 -20.97 9.83
N ASP B 282 22.20 -21.87 10.49
CA ASP B 282 21.93 -23.19 9.92
C ASP B 282 20.71 -23.77 10.59
N ILE B 283 19.55 -23.63 9.93
CA ILE B 283 18.27 -24.09 10.48
C ILE B 283 18.30 -25.59 10.80
N TYR B 284 18.97 -26.36 9.96
CA TYR B 284 18.92 -27.81 10.12
C TYR B 284 19.75 -28.24 11.33
N ASN B 285 20.89 -27.59 11.50
CA ASN B 285 21.72 -27.79 12.70
C ASN B 285 21.00 -27.33 13.95
N ALA B 286 20.33 -26.19 13.86
CA ALA B 286 19.60 -25.66 15.01
C ALA B 286 18.55 -26.67 15.49
N CYS B 287 17.78 -27.21 14.56
CA CYS B 287 16.73 -28.16 14.89
C CYS B 287 17.26 -29.49 15.38
N GLU B 288 18.26 -30.05 14.68
CA GLU B 288 18.70 -31.39 15.02
C GLU B 288 19.61 -31.43 16.24
N LYS B 289 20.55 -30.48 16.32
CA LYS B 289 21.57 -30.53 17.36
C LYS B 289 21.31 -29.61 18.55
N ILE B 290 20.86 -28.39 18.29
CA ILE B 290 20.63 -27.47 19.41
C ILE B 290 19.30 -27.76 20.09
N TRP B 291 18.19 -27.61 19.36
CA TRP B 291 16.90 -27.99 19.93
C TRP B 291 16.80 -29.50 20.18
N GLY B 292 17.26 -30.31 19.23
CA GLY B 292 17.03 -31.74 19.31
C GLY B 292 17.92 -32.51 20.26
N GLU B 293 19.02 -31.90 20.67
CA GLU B 293 19.99 -32.58 21.53
C GLU B 293 20.39 -31.70 22.72
N ASP B 294 21.12 -30.61 22.45
CA ASP B 294 21.70 -29.78 23.51
C ASP B 294 20.67 -29.20 24.46
N LEU B 295 19.54 -28.74 23.91
CA LEU B 295 18.53 -28.08 24.72
C LEU B 295 17.24 -28.89 24.82
N ARG B 296 17.28 -30.15 24.36
CA ARG B 296 16.09 -30.98 24.34
C ARG B 296 15.40 -31.04 25.70
N HIS B 297 16.18 -31.07 26.78
CA HIS B 297 15.62 -31.21 28.12
C HIS B 297 14.79 -29.99 28.53
N LEU B 298 15.07 -28.85 27.91
CA LEU B 298 14.34 -27.62 28.20
C LEU B 298 13.04 -27.55 27.41
N ILE B 299 12.90 -28.40 26.40
CA ILE B 299 11.72 -28.38 25.55
C ILE B 299 10.69 -29.41 26.00
N VAL B 300 11.15 -30.63 26.28
CA VAL B 300 10.22 -31.71 26.62
C VAL B 300 9.56 -31.49 27.98
N SER B 301 10.10 -30.54 28.75
CA SER B 301 9.55 -30.19 30.06
C SER B 301 8.41 -29.16 30.01
N ARG B 302 8.17 -28.57 28.84
CA ARG B 302 7.20 -27.47 28.71
C ARG B 302 5.74 -27.90 28.69
N SER B 303 4.87 -26.99 29.15
CA SER B 303 3.43 -27.20 29.14
C SER B 303 2.83 -27.19 27.74
N THR B 304 1.72 -27.90 27.58
CA THR B 304 0.93 -27.88 26.35
C THR B 304 0.43 -26.47 26.04
N GLN B 305 0.26 -25.66 27.10
CA GLN B 305 -0.16 -24.29 26.93
C GLN B 305 1.02 -23.35 26.65
N ALA B 306 2.23 -23.91 26.63
CA ALA B 306 3.44 -23.10 26.44
C ALA B 306 4.48 -23.76 25.53
N PRO B 307 4.08 -24.09 24.30
CA PRO B 307 5.03 -24.80 23.42
C PRO B 307 6.17 -23.91 22.95
N LEU B 308 7.29 -24.53 22.60
CA LEU B 308 8.29 -23.88 21.78
C LEU B 308 7.78 -23.92 20.36
N ILE B 309 7.78 -22.78 19.70
CA ILE B 309 7.37 -22.70 18.31
C ILE B 309 8.63 -22.38 17.50
N ILE B 310 9.10 -23.35 16.73
CA ILE B 310 10.33 -23.17 15.96
C ILE B 310 10.01 -22.45 14.66
N ARG B 311 10.77 -21.39 14.36
CA ARG B 311 10.51 -20.61 13.15
C ARG B 311 11.66 -20.64 12.15
N PRO B 312 11.50 -21.42 11.07
CA PRO B 312 12.44 -21.26 9.94
C PRO B 312 12.07 -19.96 9.20
N ASP B 313 13.00 -19.39 8.44
CA ASP B 313 12.74 -18.10 7.78
C ASP B 313 13.49 -17.94 6.46
N SER B 314 13.94 -19.04 5.88
CA SER B 314 14.69 -18.97 4.63
C SER B 314 14.71 -20.30 3.91
N GLY B 315 15.08 -20.29 2.64
CA GLY B 315 15.07 -21.48 1.82
C GLY B 315 13.73 -21.64 1.13
N ASN B 316 13.61 -22.67 0.29
CA ASN B 316 12.32 -22.99 -0.32
C ASN B 316 11.33 -23.29 0.79
N PRO B 317 10.20 -22.57 0.83
CA PRO B 317 9.28 -22.73 1.96
C PRO B 317 8.81 -24.17 2.18
N LEU B 318 8.35 -24.86 1.13
CA LEU B 318 7.87 -26.23 1.32
C LEU B 318 9.00 -27.19 1.70
N ASP B 319 10.12 -27.14 0.96
CA ASP B 319 11.24 -28.04 1.23
C ASP B 319 11.77 -27.86 2.66
N THR B 320 11.82 -26.61 3.10
CA THR B 320 12.32 -26.29 4.43
C THR B 320 11.36 -26.78 5.53
N VAL B 321 10.06 -26.53 5.35
CA VAL B 321 9.08 -27.05 6.31
C VAL B 321 9.15 -28.57 6.42
N LEU B 322 9.20 -29.26 5.27
CA LEU B 322 9.23 -30.72 5.28
C LEU B 322 10.48 -31.25 5.97
N LYS B 323 11.63 -30.63 5.72
CA LYS B 323 12.89 -31.05 6.32
C LYS B 323 12.94 -30.78 7.83
N VAL B 324 12.47 -29.60 8.23
CA VAL B 324 12.36 -29.28 9.66
C VAL B 324 11.48 -30.31 10.38
N LEU B 325 10.34 -30.64 9.79
CA LEU B 325 9.44 -31.61 10.40
C LEU B 325 10.09 -33.00 10.48
N GLU B 326 10.77 -33.44 9.42
CA GLU B 326 11.47 -34.73 9.45
C GLU B 326 12.54 -34.76 10.54
N ILE B 327 13.28 -33.66 10.68
CA ILE B 327 14.31 -33.59 11.70
C ILE B 327 13.70 -33.70 13.09
N LEU B 328 12.67 -32.90 13.35
CA LEU B 328 12.05 -32.89 14.68
C LEU B 328 11.39 -34.24 14.98
N GLY B 329 10.82 -34.86 13.96
CA GLY B 329 10.15 -36.13 14.12
C GLY B 329 11.07 -37.25 14.54
N LYS B 330 12.36 -37.09 14.28
CA LYS B 330 13.33 -38.10 14.68
C LYS B 330 13.98 -37.80 16.03
N LYS B 331 13.82 -36.56 16.51
CA LYS B 331 14.41 -36.16 17.77
C LYS B 331 13.40 -36.10 18.90
N PHE B 332 12.12 -36.04 18.54
CA PHE B 332 11.05 -35.88 19.51
C PHE B 332 9.99 -36.97 19.32
N PRO B 333 9.20 -37.25 20.37
CA PRO B 333 8.22 -38.33 20.22
C PRO B 333 7.00 -37.92 19.38
N VAL B 334 6.83 -38.56 18.24
CA VAL B 334 5.74 -38.26 17.33
C VAL B 334 4.63 -39.27 17.53
N THR B 335 3.39 -38.80 17.46
CA THR B 335 2.23 -39.68 17.55
C THR B 335 1.52 -39.70 16.21
N GLU B 336 0.57 -40.60 16.07
CA GLU B 336 -0.25 -40.65 14.86
C GLU B 336 -1.68 -40.37 15.29
N ASN B 337 -2.25 -39.28 14.81
CA ASN B 337 -3.61 -38.91 15.22
C ASN B 337 -4.64 -39.87 14.63
N SER B 338 -5.91 -39.61 14.92
CA SER B 338 -6.97 -40.54 14.54
C SER B 338 -7.22 -40.58 13.03
N LYS B 339 -6.66 -39.62 12.30
CA LYS B 339 -6.80 -39.57 10.85
C LYS B 339 -5.63 -40.25 10.14
N GLY B 340 -4.63 -40.65 10.91
CA GLY B 340 -3.46 -41.33 10.35
C GLY B 340 -2.30 -40.41 10.04
N TYR B 341 -2.38 -39.17 10.49
CA TYR B 341 -1.34 -38.18 10.24
C TYR B 341 -0.43 -37.97 11.44
N LYS B 342 0.84 -37.67 11.16
CA LYS B 342 1.85 -37.50 12.20
C LYS B 342 1.70 -36.18 12.96
N LEU B 343 1.88 -36.26 14.27
CA LEU B 343 1.71 -35.09 15.13
C LEU B 343 2.89 -34.96 16.11
N LEU B 344 3.52 -33.79 16.12
CA LEU B 344 4.57 -33.49 17.07
C LEU B 344 3.99 -33.48 18.47
N PRO B 345 4.82 -33.65 19.51
CA PRO B 345 4.30 -33.57 20.87
C PRO B 345 3.76 -32.16 21.13
N PRO B 346 2.86 -32.01 22.10
CA PRO B 346 2.13 -30.74 22.25
C PRO B 346 3.00 -29.56 22.71
N TYR B 347 4.23 -29.82 23.17
CA TYR B 347 5.12 -28.74 23.59
C TYR B 347 5.97 -28.20 22.45
N LEU B 348 5.74 -28.70 21.23
CA LEU B 348 6.57 -28.33 20.09
C LEU B 348 5.75 -28.10 18.82
N ARG B 349 5.92 -26.92 18.21
CA ARG B 349 5.20 -26.58 16.98
C ARG B 349 6.15 -25.81 16.05
N VAL B 350 5.67 -25.54 14.84
CA VAL B 350 6.45 -24.81 13.84
C VAL B 350 5.62 -23.68 13.26
N ILE B 351 6.27 -22.55 12.98
CA ILE B 351 5.66 -21.49 12.18
C ILE B 351 6.54 -21.12 11.00
N GLN B 352 5.97 -21.18 9.79
CA GLN B 352 6.69 -20.79 8.58
C GLN B 352 6.24 -19.39 8.23
N GLY B 353 7.15 -18.43 8.35
CA GLY B 353 6.81 -17.03 8.18
C GLY B 353 7.58 -16.33 7.08
N ASP B 354 8.17 -17.11 6.18
CA ASP B 354 8.88 -16.53 5.04
C ASP B 354 8.27 -17.03 3.75
N GLY B 355 8.09 -16.13 2.80
CA GLY B 355 7.62 -16.50 1.46
C GLY B 355 6.18 -16.99 1.38
N VAL B 356 5.36 -16.63 2.36
CA VAL B 356 3.98 -17.11 2.38
C VAL B 356 3.03 -16.13 1.71
N ASP B 357 2.36 -16.60 0.66
CA ASP B 357 1.21 -15.90 0.10
C ASP B 357 0.17 -16.96 -0.22
N ILE B 358 -0.97 -16.58 -0.80
CA ILE B 358 -2.04 -17.56 -0.98
C ILE B 358 -1.58 -18.77 -1.81
N ASN B 359 -0.70 -18.54 -2.78
CA ASN B 359 -0.21 -19.62 -3.62
C ASN B 359 0.74 -20.60 -2.92
N THR B 360 1.73 -20.06 -2.22
CA THR B 360 2.69 -20.90 -1.56
C THR B 360 2.07 -21.58 -0.33
N LEU B 361 1.08 -20.92 0.27
CA LEU B 361 0.32 -21.55 1.37
C LEU B 361 -0.29 -22.88 0.93
N GLN B 362 -0.97 -22.85 -0.21
CA GLN B 362 -1.58 -24.04 -0.78
C GLN B 362 -0.53 -25.11 -1.02
N GLU B 363 0.61 -24.69 -1.57
CA GLU B 363 1.68 -25.62 -1.91
C GLU B 363 2.24 -26.31 -0.66
N ILE B 364 2.39 -25.54 0.42
CA ILE B 364 2.96 -26.09 1.64
C ILE B 364 2.02 -27.09 2.30
N VAL B 365 0.74 -26.74 2.44
CA VAL B 365 -0.16 -27.64 3.16
C VAL B 365 -0.42 -28.94 2.37
N GLU B 366 -0.44 -28.83 1.04
CA GLU B 366 -0.61 -30.02 0.21
C GLU B 366 0.64 -30.89 0.31
N GLY B 367 1.81 -30.26 0.39
CA GLY B 367 3.05 -31.00 0.50
C GLY B 367 3.13 -31.72 1.83
N MET B 368 2.70 -31.04 2.88
CA MET B 368 2.64 -31.67 4.20
C MET B 368 1.69 -32.87 4.21
N LYS B 369 0.50 -32.68 3.62
CA LYS B 369 -0.48 -33.77 3.55
C LYS B 369 0.10 -34.98 2.85
N GLN B 370 0.79 -34.76 1.74
CA GLN B 370 1.40 -35.86 0.98
C GLN B 370 2.46 -36.61 1.79
N LYS B 371 3.14 -35.90 2.69
CA LYS B 371 4.14 -36.53 3.54
C LYS B 371 3.53 -36.99 4.89
N MET B 372 2.21 -36.96 4.98
CA MET B 372 1.48 -37.46 6.17
C MET B 372 1.73 -36.66 7.45
N TRP B 373 1.98 -35.36 7.32
CA TRP B 373 2.11 -34.47 8.47
C TRP B 373 0.82 -33.68 8.68
N SER B 374 0.29 -33.72 9.90
CA SER B 374 -0.92 -32.97 10.20
C SER B 374 -0.70 -31.46 10.12
N ILE B 375 -1.73 -30.75 9.67
CA ILE B 375 -1.68 -29.29 9.63
C ILE B 375 -1.75 -28.75 11.07
N GLU B 376 -2.11 -29.61 12.04
CA GLU B 376 -2.03 -29.20 13.46
C GLU B 376 -0.63 -28.74 13.86
N ASN B 377 0.38 -29.28 13.18
CA ASN B 377 1.78 -29.01 13.51
C ASN B 377 2.26 -27.61 13.19
N ILE B 378 1.53 -26.92 12.32
CA ILE B 378 2.09 -25.73 11.69
C ILE B 378 1.15 -24.53 11.74
N ALA B 379 1.75 -23.34 11.77
CA ALA B 379 1.03 -22.10 11.52
C ALA B 379 1.87 -21.32 10.53
N PHE B 380 1.28 -20.27 9.97
CA PHE B 380 1.98 -19.48 8.99
C PHE B 380 1.99 -18.02 9.40
N GLY B 381 3.06 -17.33 9.02
CA GLY B 381 3.14 -15.88 9.16
C GLY B 381 3.25 -15.32 7.77
N SER B 382 2.57 -14.21 7.53
CA SER B 382 2.62 -13.60 6.20
C SER B 382 2.66 -12.10 6.36
N GLY B 383 3.50 -11.45 5.58
CA GLY B 383 3.68 -10.02 5.73
C GLY B 383 3.28 -9.30 4.47
N GLY B 384 4.25 -9.09 3.58
CA GLY B 384 3.97 -8.44 2.31
C GLY B 384 2.88 -9.16 1.52
N GLY B 385 2.91 -10.49 1.56
CA GLY B 385 1.92 -11.28 0.85
C GLY B 385 0.51 -11.03 1.34
N LEU B 386 0.38 -10.76 2.64
CA LEU B 386 -0.91 -10.60 3.28
C LEU B 386 -1.47 -9.18 3.11
N LEU B 387 -0.60 -8.19 3.25
CA LEU B 387 -1.05 -6.80 3.36
C LEU B 387 -0.61 -5.85 2.24
N GLN B 388 0.40 -6.23 1.45
CA GLN B 388 0.94 -5.26 0.50
C GLN B 388 0.85 -5.69 -0.96
N LYS B 389 0.99 -6.99 -1.21
CA LYS B 389 1.06 -7.53 -2.56
C LYS B 389 -0.35 -7.76 -3.10
N LEU B 390 -1.09 -6.66 -3.20
CA LEU B 390 -2.50 -6.66 -3.61
C LEU B 390 -2.74 -5.35 -4.34
N THR B 391 -3.57 -5.36 -5.39
CA THR B 391 -3.91 -4.13 -6.10
C THR B 391 -5.41 -4.11 -6.36
N ARG B 392 -5.90 -2.95 -6.79
CA ARG B 392 -7.31 -2.74 -7.05
C ARG B 392 -7.79 -3.60 -8.23
N ASP B 393 -6.90 -4.08 -9.10
N ASP B 393 -6.82 -4.06 -9.03
CA ASP B 393 -7.40 -4.92 -10.19
CA ASP B 393 -7.08 -4.91 -10.18
C ASP B 393 -7.48 -6.41 -9.87
C ASP B 393 -7.53 -6.33 -9.81
N LEU B 394 -7.13 -6.80 -8.64
CA LEU B 394 -7.36 -8.19 -8.23
C LEU B 394 -8.85 -8.54 -8.27
N LEU B 395 -9.68 -7.69 -7.65
CA LEU B 395 -11.12 -7.89 -7.64
C LEU B 395 -11.84 -6.89 -8.54
N ASN B 396 -11.07 -6.09 -9.29
CA ASN B 396 -11.64 -5.07 -10.16
C ASN B 396 -12.62 -4.15 -9.45
N CYS B 397 -12.20 -3.63 -8.31
CA CYS B 397 -13.02 -2.71 -7.52
C CYS B 397 -13.14 -1.39 -8.26
N SER B 398 -14.38 -0.94 -8.51
CA SER B 398 -14.59 0.15 -9.45
C SER B 398 -15.84 0.95 -9.12
N PHE B 399 -15.78 2.26 -9.36
CA PHE B 399 -16.88 3.20 -9.06
C PHE B 399 -17.31 3.80 -10.39
N LYS B 400 -18.61 3.75 -10.67
CA LYS B 400 -19.11 4.25 -11.97
C LYS B 400 -20.46 4.94 -11.80
N CYS B 401 -20.69 5.94 -12.65
CA CYS B 401 -21.97 6.63 -12.68
C CYS B 401 -22.97 5.82 -13.51
N SER B 402 -24.16 5.58 -12.96
CA SER B 402 -25.15 4.77 -13.66
C SER B 402 -26.46 5.50 -13.94
N TYR B 403 -26.69 6.63 -13.28
CA TYR B 403 -27.96 7.33 -13.45
C TYR B 403 -27.76 8.81 -13.20
N VAL B 404 -28.32 9.65 -14.07
CA VAL B 404 -28.28 11.09 -13.89
C VAL B 404 -29.67 11.67 -14.13
N VAL B 405 -29.95 12.83 -13.56
CA VAL B 405 -31.16 13.56 -13.90
C VAL B 405 -30.73 14.90 -14.48
N THR B 406 -31.18 15.18 -15.71
CA THR B 406 -30.84 16.42 -16.40
C THR B 406 -32.11 17.00 -16.99
N ASN B 407 -32.36 18.28 -16.75
CA ASN B 407 -33.61 18.92 -17.16
C ASN B 407 -34.82 18.14 -16.67
N GLY B 408 -34.71 17.58 -15.47
CA GLY B 408 -35.81 16.86 -14.85
C GLY B 408 -36.05 15.46 -15.38
N LEU B 409 -35.22 15.02 -16.33
CA LEU B 409 -35.39 13.70 -16.93
C LEU B 409 -34.30 12.76 -16.45
N GLY B 410 -34.71 11.60 -15.93
CA GLY B 410 -33.76 10.57 -15.53
C GLY B 410 -33.24 9.85 -16.75
N ILE B 411 -31.94 9.58 -16.74
CA ILE B 411 -31.27 8.92 -17.84
C ILE B 411 -30.41 7.78 -17.28
N ASN B 412 -30.53 6.58 -17.84
CA ASN B 412 -29.66 5.46 -17.47
C ASN B 412 -28.38 5.52 -18.27
N VAL B 413 -27.24 5.64 -17.57
CA VAL B 413 -25.97 5.86 -18.25
C VAL B 413 -24.95 4.78 -17.91
N PHE B 414 -23.93 4.64 -18.76
CA PHE B 414 -23.01 3.51 -18.64
C PHE B 414 -21.86 3.71 -19.61
N LYS B 415 -20.76 2.99 -19.38
CA LYS B 415 -19.71 2.86 -20.39
C LYS B 415 -19.76 1.44 -20.94
N ASP B 416 -19.28 1.26 -22.17
CA ASP B 416 -19.23 -0.05 -22.80
C ASP B 416 -18.16 -0.05 -23.88
N PRO B 417 -16.87 -0.05 -23.47
CA PRO B 417 -15.78 0.13 -24.44
C PRO B 417 -15.71 -1.03 -25.43
N VAL B 418 -15.54 -0.70 -26.71
CA VAL B 418 -15.63 -1.71 -27.77
C VAL B 418 -14.59 -2.82 -27.64
N ALA B 419 -13.39 -2.47 -27.16
CA ALA B 419 -12.30 -3.43 -27.11
C ALA B 419 -12.23 -4.19 -25.79
N ASP B 420 -13.07 -3.83 -24.83
CA ASP B 420 -13.09 -4.55 -23.56
C ASP B 420 -14.47 -4.65 -22.91
N PRO B 421 -15.23 -5.70 -23.27
CA PRO B 421 -16.55 -5.94 -22.67
C PRO B 421 -16.49 -6.13 -21.15
N ASN B 422 -15.34 -6.51 -20.60
CA ASN B 422 -15.23 -6.67 -19.16
C ASN B 422 -15.35 -5.34 -18.42
N LYS B 423 -15.19 -4.24 -19.16
CA LYS B 423 -15.27 -2.92 -18.56
C LYS B 423 -16.65 -2.28 -18.68
N ARG B 424 -17.60 -2.99 -19.28
CA ARG B 424 -18.98 -2.49 -19.34
C ARG B 424 -19.50 -2.25 -17.93
N SER B 425 -20.19 -1.14 -17.72
CA SER B 425 -20.74 -0.81 -16.40
C SER B 425 -22.27 -0.97 -16.38
N LYS B 426 -22.84 -0.98 -15.17
CA LYS B 426 -24.29 -1.21 -15.03
C LYS B 426 -25.11 0.05 -15.33
N LYS B 427 -26.38 -0.15 -15.71
CA LYS B 427 -27.23 0.96 -16.14
C LYS B 427 -28.34 1.28 -15.15
N GLY B 428 -28.50 2.56 -14.84
CA GLY B 428 -29.66 3.03 -14.10
C GLY B 428 -29.57 2.82 -12.61
N ARG B 429 -30.71 2.99 -11.94
CA ARG B 429 -30.78 2.85 -10.50
C ARG B 429 -30.67 1.38 -10.12
N LEU B 430 -29.85 1.09 -9.11
CA LEU B 430 -29.51 -0.28 -8.77
C LEU B 430 -30.06 -0.70 -7.42
N SER B 431 -30.29 -2.00 -7.28
CA SER B 431 -30.68 -2.55 -5.99
C SER B 431 -30.23 -4.00 -5.90
N LEU B 432 -30.04 -4.49 -4.69
CA LEU B 432 -29.50 -5.82 -4.48
C LEU B 432 -30.59 -6.68 -3.87
N HIS B 433 -30.77 -7.89 -4.39
CA HIS B 433 -31.87 -8.75 -3.96
C HIS B 433 -31.47 -10.19 -3.76
N ARG B 434 -32.30 -10.91 -3.01
CA ARG B 434 -32.18 -12.35 -2.88
C ARG B 434 -32.99 -13.02 -4.00
N THR B 435 -32.40 -14.01 -4.65
CA THR B 435 -33.10 -14.76 -5.70
C THR B 435 -33.96 -15.85 -5.07
N PRO B 436 -34.82 -16.51 -5.87
CA PRO B 436 -35.64 -17.56 -5.27
C PRO B 436 -34.80 -18.69 -4.68
N ALA B 437 -33.59 -18.90 -5.20
CA ALA B 437 -32.72 -19.95 -4.69
C ALA B 437 -31.85 -19.49 -3.53
N GLY B 438 -32.01 -18.21 -3.15
CA GLY B 438 -31.33 -17.69 -1.98
C GLY B 438 -29.98 -17.07 -2.30
N ASN B 439 -29.74 -16.78 -3.57
CA ASN B 439 -28.50 -16.15 -3.98
C ASN B 439 -28.70 -14.65 -4.13
N PHE B 440 -27.64 -13.92 -4.42
CA PHE B 440 -27.75 -12.48 -4.65
C PHE B 440 -27.92 -12.18 -6.13
N VAL B 441 -28.71 -11.16 -6.44
CA VAL B 441 -28.79 -10.60 -7.79
C VAL B 441 -28.86 -9.08 -7.72
N THR B 442 -28.19 -8.41 -8.65
CA THR B 442 -28.28 -6.96 -8.76
C THR B 442 -29.24 -6.60 -9.89
N LEU B 443 -30.25 -5.80 -9.57
CA LEU B 443 -31.21 -5.36 -10.58
C LEU B 443 -30.86 -3.97 -11.06
N GLU B 444 -30.87 -3.80 -12.38
CA GLU B 444 -30.53 -2.53 -13.00
C GLU B 444 -31.77 -1.77 -13.45
N GLU B 445 -31.58 -0.54 -13.92
CA GLU B 445 -32.64 0.24 -14.56
C GLU B 445 -33.85 0.48 -13.66
N GLY B 446 -33.64 0.52 -12.35
CA GLY B 446 -34.71 0.78 -11.40
C GLY B 446 -35.70 -0.37 -11.24
N LYS B 447 -35.37 -1.52 -11.80
CA LYS B 447 -36.29 -2.66 -11.82
C LYS B 447 -36.63 -3.23 -10.46
N GLY B 448 -35.82 -2.92 -9.45
CA GLY B 448 -36.12 -3.31 -8.08
C GLY B 448 -37.48 -2.74 -7.65
N ASP B 449 -37.84 -1.60 -8.24
CA ASP B 449 -39.11 -0.94 -7.91
C ASP B 449 -40.33 -1.76 -8.34
N LEU B 450 -40.14 -2.65 -9.31
CA LEU B 450 -41.24 -3.49 -9.79
C LEU B 450 -41.68 -4.52 -8.73
N GLU B 451 -40.85 -4.71 -7.72
CA GLU B 451 -41.17 -5.57 -6.58
C GLU B 451 -41.37 -7.04 -6.93
N GLU B 452 -40.61 -7.56 -7.90
CA GLU B 452 -40.73 -8.96 -8.25
C GLU B 452 -39.65 -9.76 -7.53
N TYR B 453 -38.76 -9.03 -6.85
CA TYR B 453 -37.60 -9.62 -6.23
C TYR B 453 -37.47 -9.25 -4.76
N GLY B 454 -38.57 -8.85 -4.15
CA GLY B 454 -38.55 -8.52 -2.74
C GLY B 454 -37.80 -7.24 -2.44
N GLN B 455 -37.36 -7.10 -1.20
CA GLN B 455 -36.79 -5.85 -0.72
C GLN B 455 -35.33 -5.69 -1.12
N ASP B 456 -34.91 -4.44 -1.32
CA ASP B 456 -33.51 -4.09 -1.54
C ASP B 456 -32.72 -4.42 -0.29
N LEU B 457 -31.61 -5.13 -0.48
CA LEU B 457 -30.76 -5.55 0.64
C LEU B 457 -29.74 -4.51 1.06
N LEU B 458 -29.53 -3.47 0.24
CA LEU B 458 -28.68 -2.36 0.66
C LEU B 458 -29.37 -1.61 1.80
N HIS B 459 -28.57 -1.04 2.70
CA HIS B 459 -29.07 -0.20 3.79
C HIS B 459 -28.50 1.20 3.64
N THR B 460 -29.27 2.23 3.98
CA THR B 460 -28.68 3.58 4.05
C THR B 460 -27.67 3.64 5.20
N VAL B 461 -26.41 3.94 4.88
CA VAL B 461 -25.35 4.00 5.89
C VAL B 461 -24.85 5.43 6.13
N PHE B 462 -25.12 6.33 5.18
CA PHE B 462 -24.68 7.70 5.35
C PHE B 462 -25.74 8.61 4.74
N LYS B 463 -26.11 9.65 5.47
CA LYS B 463 -27.05 10.61 4.89
C LYS B 463 -26.83 11.98 5.47
N ASN B 464 -26.51 12.93 4.59
CA ASN B 464 -26.40 14.34 4.97
C ASN B 464 -25.48 14.59 6.16
N GLY B 465 -24.29 13.99 6.10
CA GLY B 465 -23.28 14.25 7.10
C GLY B 465 -23.29 13.29 8.28
N LYS B 466 -24.27 12.39 8.31
CA LYS B 466 -24.41 11.48 9.45
C LYS B 466 -24.25 10.02 9.05
N VAL B 467 -23.57 9.24 9.90
CA VAL B 467 -23.56 7.79 9.70
C VAL B 467 -24.87 7.25 10.28
N THR B 468 -25.62 6.52 9.46
CA THR B 468 -26.98 6.14 9.83
C THR B 468 -27.13 4.67 10.15
N LYS B 469 -26.10 3.89 9.84
CA LYS B 469 -26.10 2.47 10.18
C LYS B 469 -24.66 1.98 10.26
N SER B 470 -24.40 1.10 11.22
CA SER B 470 -23.04 0.66 11.45
C SER B 470 -23.03 -0.73 12.06
N TYR B 471 -21.84 -1.33 12.12
CA TYR B 471 -21.72 -2.73 12.51
C TYR B 471 -20.56 -2.88 13.49
N SER B 472 -20.71 -3.75 14.49
CA SER B 472 -19.60 -4.00 15.39
C SER B 472 -18.66 -4.97 14.69
N PHE B 473 -17.43 -5.06 15.15
CA PHE B 473 -16.48 -6.00 14.58
C PHE B 473 -16.92 -7.44 14.83
N ASP B 474 -17.63 -7.66 15.94
CA ASP B 474 -18.14 -8.99 16.21
C ASP B 474 -19.18 -9.40 15.16
N GLU B 475 -20.05 -8.46 14.77
CA GLU B 475 -21.07 -8.74 13.74
C GLU B 475 -20.40 -9.02 12.39
N ILE B 476 -19.38 -8.23 12.08
CA ILE B 476 -18.64 -8.37 10.83
C ILE B 476 -18.00 -9.74 10.73
N ARG B 477 -17.37 -10.18 11.82
CA ARG B 477 -16.75 -11.50 11.88
C ARG B 477 -17.78 -12.61 11.67
N LYS B 478 -18.95 -12.44 12.27
CA LYS B 478 -20.03 -13.42 12.10
C LYS B 478 -20.47 -13.50 10.64
N ASN B 479 -20.64 -12.33 10.01
CA ASN B 479 -21.04 -12.28 8.61
C ASN B 479 -20.01 -12.93 7.70
N ALA B 480 -18.75 -12.88 8.09
CA ALA B 480 -17.67 -13.33 7.21
C ALA B 480 -17.26 -14.78 7.41
N GLN B 481 -17.97 -15.49 8.28
CA GLN B 481 -17.64 -16.88 8.56
C GLN B 481 -17.62 -17.78 7.33
N LEU B 482 -16.79 -18.81 7.39
CA LEU B 482 -16.78 -19.83 6.34
C LEU B 482 -17.99 -20.72 6.50
N ASN B 483 -18.50 -21.26 5.40
CA ASN B 483 -19.61 -22.20 5.48
C ASN B 483 -19.23 -23.40 6.33
N ILE B 484 -18.00 -23.86 6.18
CA ILE B 484 -17.49 -25.01 6.94
C ILE B 484 -17.47 -24.72 8.45
N GLU B 485 -17.26 -23.45 8.82
CA GLU B 485 -17.37 -23.04 10.21
C GLU B 485 -18.84 -23.03 10.64
N LEU B 486 -19.70 -22.59 9.73
CA LEU B 486 -21.14 -22.57 9.96
C LEU B 486 -21.66 -24.01 10.11
N GLU B 487 -21.19 -24.89 9.24
CA GLU B 487 -21.46 -26.32 9.36
C GLU B 487 -20.34 -27.00 10.13
C1 2HJ C . 2.82 21.31 -18.43
C2 2HJ C . 1.32 21.15 -18.14
C3 2HJ C . 0.53 22.17 -18.96
C4 2HJ C . 1.06 21.44 -16.66
C5 2HJ C . 0.90 19.73 -18.49
C6 2HJ C . 1.13 18.71 -17.57
C7 2HJ C . 0.76 17.42 -17.88
C8 2HJ C . 0.16 17.11 -19.09
C9 2HJ C . -0.07 18.13 -20.00
C10 2HJ C . 0.31 19.44 -19.71
S11 2HJ C . -0.30 15.45 -19.45
O12 2HJ C . 0.85 14.65 -19.16
O13 2HJ C . -0.91 15.44 -20.76
N14 2HJ C . -1.49 15.06 -18.35
C15 2HJ C . -2.72 15.88 -18.28
C16 2HJ C . -3.76 14.99 -17.65
C17 2HJ C . -4.26 13.96 -18.42
C18 2HJ C . -5.19 13.11 -17.88
C19 2HJ C . -5.66 13.31 -16.58
C20 2HJ C . -5.12 14.31 -15.78
C21 2HJ C . -4.18 15.17 -16.34
C22 2HJ C . -6.57 12.25 -16.09
O23 2HJ C . -7.30 11.64 -16.82
N24 2HJ C . -6.38 11.95 -14.79
C25 2HJ C . -6.87 10.89 -14.02
C26 2HJ C . -6.66 10.87 -12.65
C27 2HJ C . -7.06 9.74 -11.95
C28 2HJ C . -7.60 8.65 -12.63
N29 2HJ C . -7.74 8.69 -13.95
C30 2HJ C . -7.37 9.75 -14.65
P PO4 D . 14.15 -9.17 5.34
O1 PO4 D . 14.51 -8.98 3.88
O2 PO4 D . 14.07 -7.80 6.01
O3 PO4 D . 15.21 -9.97 6.06
O4 PO4 D . 12.80 -9.81 5.47
C1 EDO E . 19.89 -9.75 12.38
O1 EDO E . 19.45 -8.44 12.77
C2 EDO E . 21.30 -9.70 11.80
O2 EDO E . 22.23 -9.58 12.87
C1 EDO F . 11.75 16.65 -11.48
O1 EDO F . 12.88 17.40 -10.96
C2 EDO F . 11.76 16.75 -13.00
O2 EDO F . 11.95 18.10 -13.41
C1 EDO G . 23.68 11.92 -6.28
O1 EDO G . 22.76 10.85 -6.54
C2 EDO G . 24.99 11.36 -5.74
O2 EDO G . 25.78 10.83 -6.82
C1 EDO H . -19.87 5.13 -16.47
O1 EDO H . -21.05 5.89 -16.67
C2 EDO H . -18.74 6.10 -16.13
O2 EDO H . -18.86 6.61 -14.78
C1 EDO I . -11.95 7.20 -15.44
O1 EDO I . -11.37 8.46 -15.73
C2 EDO I . -13.45 7.44 -15.46
O2 EDO I . -14.15 6.24 -15.15
C1 2HJ J . -3.55 -18.53 21.00
C2 2HJ J . -2.24 -17.79 21.26
C3 2HJ J . -1.61 -18.34 22.55
C4 2HJ J . -2.51 -16.30 21.44
C5 2HJ J . -1.32 -17.99 20.07
C6 2HJ J . -1.52 -17.20 18.95
C7 2HJ J . -0.72 -17.35 17.83
C8 2HJ J . 0.29 -18.30 17.82
C9 2HJ J . 0.49 -19.10 18.93
C10 2HJ J . -0.31 -18.94 20.06
S11 2HJ J . 1.30 -18.46 16.36
O12 2HJ J . 0.42 -18.55 15.25
O13 2HJ J . 2.28 -19.46 16.69
N14 2HJ J . 2.14 -17.03 16.31
C15 2HJ J . 2.99 -16.64 17.44
C16 2HJ J . 4.03 -15.74 16.83
C17 2HJ J . 5.06 -16.34 16.11
C18 2HJ J . 6.00 -15.55 15.50
C19 2HJ J . 5.97 -14.16 15.65
C20 2HJ J . 4.90 -13.55 16.33
C21 2HJ J . 3.95 -14.36 16.94
C22 2HJ J . 6.96 -13.39 14.87
O23 2HJ J . 8.05 -13.86 14.55
N24 2HJ J . 6.49 -12.21 14.41
C25 2HJ J . 7.04 -11.33 13.47
C26 2HJ J . 6.45 -10.08 13.27
C27 2HJ J . 6.94 -9.28 12.24
C28 2HJ J . 7.95 -9.75 11.43
N29 2HJ J . 8.46 -10.96 11.62
C30 2HJ J . 8.03 -11.76 12.58
P PO4 K . -11.68 1.63 -13.38
O1 PO4 K . -12.61 2.15 -14.44
O2 PO4 K . -11.29 0.23 -13.73
O3 PO4 K . -10.50 2.54 -13.25
O4 PO4 K . -12.40 1.64 -12.03
C1 EDO L . 14.55 -10.62 12.10
O1 EDO L . 15.50 -10.09 11.18
C2 EDO L . 13.35 -11.25 11.43
O2 EDO L . 12.47 -11.60 12.48
#